data_5DVP
#
_entry.id   5DVP
#
_cell.length_a   60.866
_cell.length_b   93.062
_cell.length_c   75.213
_cell.angle_alpha   90.000
_cell.angle_beta   92.910
_cell.angle_gamma   90.000
#
_symmetry.space_group_name_H-M   'P 1 21 1'
#
loop_
_entity.id
_entity.type
_entity.pdbx_description
1 polymer 'L,D-transpeptidase 2'
2 non-polymer '(2S,3R,4S)-2-[(2S,3R)-3-hydroxy-1-oxobutan-2-yl]-3-methyl-4-({(3S,5S)-5-[(sulfamoylamino)methyl]pyrrolidin-3-yl}sulfanyl)-3,4-dihydro-2H-pyrrole-5-carboxylic acid'
3 non-polymer 'SULFATE ION'
4 non-polymer PHOSPHONOACETALDEHYDE
5 water water
#
_entity_poly.entity_id   1
_entity_poly.type   'polypeptide(L)'
_entity_poly.pdbx_seq_one_letter_code
;LVPKLTASVTDGAVGVTVDAPVSVTAADGVLAAVTMVNDNGRPVAGRLSPDGLRWSTTEQLGYNRRYTLNATALGLGGAA
TRQLTFQTSSPAHLTMPYVMPGDGEVVGVGEPVAIRFDENIADRGAAEKAIKITTNPPVEGAFYWLNNREVRWRPEHFWK
PGTAVDVAVNTYGVDLGEGMFGEDNVQTHFTIGDEVIATADDNTKILTVRVNGEVVKSMPTSMGKDSTPTANGIYIVGSR
YKHIIMDSSTYGVPVNSPNGYRTDVDWATQISYSGVFVHSAPWSVGAQGHTNTSHGCLNVSPSNAQWFYDHVKRGDIVEV
VNTVGGTLPGIDGLGDWNIPWDQWRAGNAK
;
_entity_poly.pdbx_strand_id   A,B
#
# COMPACT_ATOMS: atom_id res chain seq x y z
N LEU A 1 60.16 8.94 -31.70
CA LEU A 1 58.99 9.72 -31.32
C LEU A 1 59.22 10.54 -30.04
N VAL A 2 58.82 11.81 -30.08
CA VAL A 2 58.93 12.72 -28.93
C VAL A 2 57.69 12.55 -28.03
N PRO A 3 57.88 12.56 -26.71
CA PRO A 3 56.72 12.43 -25.81
C PRO A 3 55.68 13.54 -25.99
N LYS A 4 54.41 13.18 -25.77
CA LYS A 4 53.29 14.11 -25.89
C LYS A 4 52.58 14.25 -24.55
N LEU A 5 52.25 15.49 -24.18
CA LEU A 5 51.54 15.78 -22.93
C LEU A 5 50.10 16.22 -23.18
N THR A 6 49.16 15.50 -22.57
CA THR A 6 47.73 15.76 -22.72
C THR A 6 47.07 15.97 -21.36
N ALA A 7 46.34 17.07 -21.18
CA ALA A 7 45.68 17.36 -19.90
C ALA A 7 44.16 17.28 -20.00
N SER A 8 43.49 17.16 -18.86
CA SER A 8 42.04 17.18 -18.85
C SER A 8 41.52 18.64 -18.94
N VAL A 9 42.44 19.59 -18.90
CA VAL A 9 42.12 20.99 -19.14
C VAL A 9 43.01 21.46 -20.28
N THR A 10 42.77 22.69 -20.77
CA THR A 10 43.69 23.32 -21.73
C THR A 10 44.23 24.67 -21.23
N ASP A 11 45.35 25.08 -21.81
CA ASP A 11 45.95 26.37 -21.50
C ASP A 11 44.97 27.49 -21.87
N GLY A 12 44.78 28.44 -20.98
CA GLY A 12 43.90 29.56 -21.24
C GLY A 12 42.43 29.29 -20.95
N ALA A 13 42.11 28.08 -20.50
CA ALA A 13 40.72 27.75 -20.26
C ALA A 13 40.18 28.53 -19.07
N VAL A 14 38.89 28.81 -19.15
CA VAL A 14 38.17 29.62 -18.19
C VAL A 14 36.93 28.80 -17.81
N GLY A 15 36.37 29.03 -16.62
CA GLY A 15 35.19 28.32 -16.17
C GLY A 15 35.41 26.83 -15.96
N VAL A 16 36.65 26.41 -15.72
CA VAL A 16 36.91 25.01 -15.42
C VAL A 16 36.17 24.63 -14.13
N THR A 17 35.40 23.55 -14.16
CA THR A 17 34.61 23.17 -13.00
C THR A 17 35.39 22.27 -12.06
N VAL A 18 35.13 22.41 -10.76
CA VAL A 18 35.92 21.72 -9.76
C VAL A 18 35.18 20.50 -9.21
N ASP A 19 34.21 20.01 -9.98
CA ASP A 19 33.50 18.78 -9.62
C ASP A 19 34.33 17.53 -9.95
N ALA A 20 35.45 17.72 -10.64
CA ALA A 20 36.27 16.58 -11.04
C ALA A 20 37.75 16.91 -10.87
N PRO A 21 38.58 15.88 -10.72
CA PRO A 21 40.00 16.20 -10.59
C PRO A 21 40.59 16.67 -11.93
N VAL A 22 41.77 17.27 -11.88
CA VAL A 22 42.50 17.62 -13.09
C VAL A 22 43.59 16.59 -13.30
N SER A 23 43.73 16.09 -14.52
CA SER A 23 44.72 15.05 -14.79
C SER A 23 45.58 15.35 -16.02
N VAL A 24 46.71 14.65 -16.08
CA VAL A 24 47.68 14.79 -17.18
C VAL A 24 48.15 13.40 -17.62
N THR A 25 48.28 13.22 -18.93
CA THR A 25 48.67 11.93 -19.46
C THR A 25 49.83 12.08 -20.43
N ALA A 26 50.78 11.15 -20.38
CA ALA A 26 51.88 11.16 -21.33
C ALA A 26 51.69 10.07 -22.38
N ALA A 27 52.03 10.39 -23.62
CA ALA A 27 52.05 9.41 -24.69
C ALA A 27 53.47 9.36 -25.24
N ASP A 28 53.90 8.19 -25.71
CA ASP A 28 55.26 8.02 -26.26
C ASP A 28 56.34 8.46 -25.27
N GLY A 29 56.17 8.08 -24.01
CA GLY A 29 57.02 8.56 -22.95
C GLY A 29 56.29 8.46 -21.62
N VAL A 30 56.93 8.94 -20.56
CA VAL A 30 56.34 8.89 -19.23
C VAL A 30 56.46 10.26 -18.61
N LEU A 31 55.63 10.53 -17.60
CA LEU A 31 55.66 11.81 -16.90
C LEU A 31 56.81 11.83 -15.91
N ALA A 32 57.74 12.76 -16.06
CA ALA A 32 58.85 12.85 -15.13
C ALA A 32 58.45 13.67 -13.91
N ALA A 33 57.91 14.85 -14.16
CA ALA A 33 57.40 15.70 -13.09
C ALA A 33 56.14 16.45 -13.50
N VAL A 34 55.24 16.59 -12.54
CA VAL A 34 54.05 17.39 -12.70
C VAL A 34 53.86 18.21 -11.44
N THR A 35 53.75 19.53 -11.60
CA THR A 35 53.30 20.34 -10.47
C THR A 35 52.14 21.22 -10.88
N MET A 36 51.25 21.48 -9.93
CA MET A 36 50.17 22.41 -10.13
C MET A 36 50.15 23.32 -8.92
N VAL A 37 50.15 24.64 -9.15
CA VAL A 37 50.13 25.57 -8.04
C VAL A 37 48.99 26.57 -8.24
N ASN A 38 48.43 27.07 -7.14
CA ASN A 38 47.44 28.13 -7.24
C ASN A 38 48.12 29.49 -7.42
N ASP A 39 47.31 30.55 -7.39
CA ASP A 39 47.79 31.93 -7.59
C ASP A 39 48.95 32.29 -6.69
N ASN A 40 48.93 31.79 -5.46
CA ASN A 40 49.95 32.10 -4.47
C ASN A 40 51.10 31.08 -4.41
N GLY A 41 51.26 30.29 -5.46
CA GLY A 41 52.39 29.36 -5.53
C GLY A 41 52.27 28.17 -4.59
N ARG A 42 51.12 28.05 -3.95
CA ARG A 42 50.85 26.88 -3.11
C ARG A 42 50.57 25.69 -3.99
N PRO A 43 51.28 24.57 -3.77
CA PRO A 43 51.09 23.37 -4.59
C PRO A 43 49.79 22.66 -4.28
N VAL A 44 49.20 22.04 -5.30
CA VAL A 44 48.04 21.19 -5.11
C VAL A 44 48.52 19.76 -4.98
N ALA A 45 47.94 18.99 -4.06
CA ALA A 45 48.34 17.61 -3.90
C ALA A 45 47.91 16.80 -5.12
N GLY A 46 48.80 15.93 -5.56
CA GLY A 46 48.57 15.13 -6.75
C GLY A 46 49.26 13.79 -6.63
N ARG A 47 48.91 12.87 -7.51
CA ARG A 47 49.54 11.57 -7.51
C ARG A 47 49.80 11.07 -8.93
N LEU A 48 51.03 10.59 -9.14
CA LEU A 48 51.45 9.95 -10.37
C LEU A 48 51.20 8.45 -10.33
N SER A 49 50.63 7.88 -11.38
CA SER A 49 50.41 6.43 -11.42
C SER A 49 51.75 5.70 -11.48
N PRO A 50 51.79 4.46 -10.95
CA PRO A 50 53.07 3.74 -10.91
C PRO A 50 53.74 3.60 -12.27
N ASP A 51 52.99 3.48 -13.37
CA ASP A 51 53.60 3.29 -14.70
C ASP A 51 54.05 4.60 -15.34
N GLY A 52 53.86 5.71 -14.61
CA GLY A 52 54.34 6.99 -15.08
C GLY A 52 53.47 7.67 -16.12
N LEU A 53 52.36 7.02 -16.50
CA LEU A 53 51.57 7.50 -17.63
C LEU A 53 50.52 8.56 -17.27
N ARG A 54 49.99 8.52 -16.05
CA ARG A 54 48.89 9.42 -15.68
C ARG A 54 49.08 10.06 -14.31
N TRP A 55 48.93 11.38 -14.25
CA TRP A 55 48.97 12.12 -13.00
C TRP A 55 47.61 12.75 -12.77
N SER A 56 47.22 12.90 -11.52
CA SER A 56 45.92 13.48 -11.22
C SER A 56 45.95 14.19 -9.87
N THR A 57 45.24 15.30 -9.73
CA THR A 57 45.09 15.97 -8.46
C THR A 57 44.36 15.02 -7.50
N THR A 58 44.62 15.15 -6.20
CA THR A 58 44.03 14.26 -5.21
C THR A 58 43.25 15.01 -4.13
N GLU A 59 43.23 16.34 -4.20
CA GLU A 59 42.44 17.10 -3.23
C GLU A 59 41.48 18.01 -3.96
N GLN A 60 40.50 18.50 -3.21
CA GLN A 60 39.48 19.37 -3.75
C GLN A 60 40.07 20.63 -4.38
N LEU A 61 39.65 20.94 -5.60
CA LEU A 61 40.11 22.18 -6.22
C LEU A 61 39.16 23.30 -5.83
N GLY A 62 39.68 24.53 -5.76
CA GLY A 62 38.91 25.66 -5.28
C GLY A 62 38.24 26.51 -6.35
N TYR A 63 37.09 27.08 -5.99
CA TYR A 63 36.41 28.06 -6.81
C TYR A 63 37.29 29.28 -7.03
N ASN A 64 37.09 29.98 -8.14
CA ASN A 64 37.64 31.31 -8.28
C ASN A 64 39.17 31.28 -8.10
N ARG A 65 39.80 30.28 -8.70
CA ARG A 65 41.25 30.19 -8.60
C ARG A 65 41.88 30.07 -9.98
N ARG A 66 43.10 30.56 -10.07
CA ARG A 66 43.88 30.40 -11.27
C ARG A 66 45.01 29.43 -10.94
N TYR A 67 45.05 28.30 -11.64
CA TYR A 67 46.04 27.26 -11.37
C TYR A 67 47.04 27.18 -12.50
N THR A 68 48.29 26.95 -12.15
CA THR A 68 49.30 26.76 -13.19
C THR A 68 49.89 25.35 -13.08
N LEU A 69 49.81 24.65 -14.20
CA LEU A 69 50.25 23.28 -14.33
C LEU A 69 51.58 23.26 -15.12
N ASN A 70 52.62 22.69 -14.51
CA ASN A 70 53.88 22.43 -15.19
C ASN A 70 54.13 20.92 -15.23
N ALA A 71 54.36 20.39 -16.43
CA ALA A 71 54.58 18.96 -16.61
C ALA A 71 55.73 18.72 -17.58
N THR A 72 56.52 17.69 -17.31
CA THR A 72 57.63 17.28 -18.16
C THR A 72 57.51 15.78 -18.44
N ALA A 73 57.65 15.39 -19.70
CA ALA A 73 57.59 13.97 -20.04
C ALA A 73 58.87 13.56 -20.77
N LEU A 74 59.37 12.36 -20.47
CA LEU A 74 60.59 11.87 -21.11
C LEU A 74 60.32 10.55 -21.80
N GLY A 75 60.93 10.37 -22.96
CA GLY A 75 60.88 9.08 -23.63
C GLY A 75 62.21 8.81 -24.28
N LEU A 76 62.34 7.66 -24.92
CA LEU A 76 63.53 7.33 -25.70
C LEU A 76 63.78 8.38 -26.77
N GLY A 77 62.70 9.00 -27.25
CA GLY A 77 62.79 10.02 -28.27
C GLY A 77 63.16 11.42 -27.79
N GLY A 78 63.28 11.62 -26.49
CA GLY A 78 63.62 12.93 -25.95
C GLY A 78 62.64 13.42 -24.90
N ALA A 79 62.50 14.74 -24.78
CA ALA A 79 61.70 15.34 -23.70
C ALA A 79 60.67 16.34 -24.22
N ALA A 80 59.60 16.53 -23.47
CA ALA A 80 58.65 17.59 -23.75
C ALA A 80 58.20 18.22 -22.43
N THR A 81 58.05 19.54 -22.43
CA THR A 81 57.59 20.31 -21.28
C THR A 81 56.45 21.21 -21.70
N ARG A 82 55.43 21.32 -20.85
CA ARG A 82 54.29 22.22 -21.08
C ARG A 82 53.94 22.99 -19.82
N GLN A 83 53.43 24.20 -20.02
CA GLN A 83 52.90 25.00 -18.92
C GLN A 83 51.51 25.42 -19.32
N LEU A 84 50.55 25.13 -18.44
CA LEU A 84 49.14 25.43 -18.67
C LEU A 84 48.59 26.22 -17.49
N THR A 85 47.88 27.28 -17.79
CA THR A 85 47.21 28.06 -16.75
C THR A 85 45.74 28.09 -17.09
N PHE A 86 44.89 27.82 -16.11
CA PHE A 86 43.45 27.86 -16.32
C PHE A 86 42.78 28.44 -15.09
N GLN A 87 41.55 28.94 -15.24
CA GLN A 87 40.80 29.44 -14.10
C GLN A 87 39.53 28.64 -13.86
N THR A 88 39.24 28.41 -12.59
CA THR A 88 38.08 27.65 -12.19
C THR A 88 36.81 28.51 -12.13
N SER A 89 35.65 27.86 -11.96
CA SER A 89 34.38 28.58 -11.84
C SER A 89 34.41 29.68 -10.77
N SER A 90 33.76 30.80 -11.08
CA SER A 90 33.62 31.89 -10.11
C SER A 90 32.14 32.06 -9.75
N PRO A 91 31.67 31.34 -8.73
CA PRO A 91 30.23 31.42 -8.43
C PRO A 91 29.77 32.81 -8.00
N ALA A 92 28.58 33.22 -8.39
CA ALA A 92 27.97 34.39 -7.78
C ALA A 92 27.41 34.01 -6.39
N HIS A 93 26.97 32.76 -6.26
CA HIS A 93 26.38 32.22 -5.02
C HIS A 93 26.81 30.79 -4.74
N LEU A 94 26.80 30.41 -3.47
CA LEU A 94 26.92 29.00 -3.10
C LEU A 94 25.66 28.55 -2.36
N THR A 95 25.26 27.30 -2.56
CA THR A 95 24.21 26.74 -1.73
C THR A 95 24.69 25.44 -1.09
N MET A 96 24.31 25.24 0.17
CA MET A 96 24.66 24.00 0.88
C MET A 96 23.47 23.04 0.94
N PRO A 97 23.68 21.79 0.52
CA PRO A 97 22.59 20.82 0.61
C PRO A 97 22.53 20.16 1.99
N TYR A 98 21.33 19.82 2.43
CA TYR A 98 21.13 19.08 3.68
C TYR A 98 20.28 17.88 3.37
N VAL A 99 20.74 16.68 3.72
CA VAL A 99 20.04 15.45 3.36
C VAL A 99 19.44 14.69 4.54
N MET A 100 18.23 14.17 4.32
CA MET A 100 17.56 13.27 5.25
C MET A 100 17.18 12.00 4.50
N PRO A 101 17.09 10.85 5.19
CA PRO A 101 17.36 10.65 6.64
C PRO A 101 18.85 10.64 6.97
N GLY A 102 19.18 10.55 8.25
CA GLY A 102 20.57 10.58 8.69
C GLY A 102 21.37 9.36 8.30
N ASP A 103 22.69 9.54 8.16
CA ASP A 103 23.59 8.44 7.83
C ASP A 103 23.53 7.33 8.87
N GLY A 104 23.53 6.09 8.40
CA GLY A 104 23.48 4.96 9.31
C GLY A 104 22.11 4.62 9.88
N GLU A 105 21.11 5.46 9.64
CA GLU A 105 19.77 5.23 10.20
C GLU A 105 19.05 4.06 9.56
N VAL A 106 18.15 3.46 10.34
CA VAL A 106 17.20 2.49 9.83
C VAL A 106 15.82 3.16 9.88
N VAL A 107 15.15 3.19 8.73
CA VAL A 107 13.89 3.91 8.58
C VAL A 107 12.81 3.05 7.94
N GLY A 108 11.57 3.56 7.98
CA GLY A 108 10.41 2.83 7.49
C GLY A 108 10.21 2.85 5.99
N VAL A 109 9.29 2.01 5.53
CA VAL A 109 9.10 1.78 4.11
C VAL A 109 8.51 2.97 3.37
N GLY A 110 8.10 4.00 4.10
CA GLY A 110 7.60 5.20 3.45
C GLY A 110 8.61 6.34 3.31
N GLU A 111 9.86 6.10 3.70
CA GLU A 111 10.80 7.21 3.83
C GLU A 111 11.42 7.64 2.49
N PRO A 112 11.18 8.91 2.10
CA PRO A 112 11.82 9.45 0.90
C PRO A 112 13.22 9.96 1.18
N VAL A 113 14.07 9.97 0.16
CA VAL A 113 15.28 10.75 0.18
C VAL A 113 14.85 12.19 0.12
N ALA A 114 15.42 13.02 0.98
CA ALA A 114 15.15 14.45 0.94
C ALA A 114 16.44 15.22 0.82
N ILE A 115 16.54 16.10 -0.16
CA ILE A 115 17.67 17.01 -0.25
C ILE A 115 17.12 18.42 -0.20
N ARG A 116 17.55 19.18 0.80
CA ARG A 116 17.08 20.55 0.98
C ARG A 116 18.28 21.49 0.88
N PHE A 117 18.26 22.39 -0.09
CA PHE A 117 19.30 23.42 -0.22
C PHE A 117 18.92 24.65 0.60
N ASP A 118 19.92 25.44 1.01
CA ASP A 118 19.64 26.64 1.78
C ASP A 118 19.38 27.85 0.88
N GLU A 119 19.23 27.59 -0.42
CA GLU A 119 18.95 28.64 -1.41
C GLU A 119 18.03 28.11 -2.51
N ASN A 120 17.24 29.00 -3.10
CA ASN A 120 16.40 28.66 -4.25
C ASN A 120 17.20 28.10 -5.43
N ILE A 121 16.80 26.94 -5.94
CA ILE A 121 17.53 26.34 -7.07
C ILE A 121 16.94 26.76 -8.44
N ALA A 122 17.70 27.53 -9.19
CA ALA A 122 17.20 28.04 -10.45
C ALA A 122 17.20 26.95 -11.52
N ASP A 123 18.17 26.03 -11.45
CA ASP A 123 18.25 24.93 -12.42
C ASP A 123 17.98 23.59 -11.74
N ARG A 124 16.72 23.24 -11.59
CA ARG A 124 16.35 22.01 -10.89
C ARG A 124 16.93 20.78 -11.57
N GLY A 125 17.00 20.82 -12.91
CA GLY A 125 17.55 19.71 -13.68
C GLY A 125 18.99 19.42 -13.32
N ALA A 126 19.79 20.47 -13.13
CA ALA A 126 21.20 20.29 -12.78
C ALA A 126 21.33 19.70 -11.38
N ALA A 127 20.47 20.13 -10.47
CA ALA A 127 20.47 19.58 -9.13
C ALA A 127 20.16 18.08 -9.15
N GLU A 128 19.12 17.70 -9.90
CA GLU A 128 18.71 16.31 -9.98
C GLU A 128 19.81 15.40 -10.54
N LYS A 129 20.45 15.86 -11.63
CA LYS A 129 21.50 15.12 -12.28
C LYS A 129 22.73 14.91 -11.39
N ALA A 130 22.96 15.85 -10.47
CA ALA A 130 24.13 15.77 -9.58
C ALA A 130 23.86 14.90 -8.33
N ILE A 131 22.62 14.46 -8.16
CA ILE A 131 22.28 13.58 -7.02
C ILE A 131 22.25 12.11 -7.43
N LYS A 132 23.17 11.33 -6.90
CA LYS A 132 23.30 9.93 -7.28
C LYS A 132 22.68 8.98 -6.26
N ILE A 133 21.56 8.37 -6.61
CA ILE A 133 20.92 7.39 -5.73
C ILE A 133 21.21 5.96 -6.16
N THR A 134 21.80 5.18 -5.26
CA THR A 134 21.97 3.75 -5.48
C THR A 134 21.02 2.99 -4.56
N THR A 135 20.35 1.98 -5.10
CA THR A 135 19.49 1.14 -4.28
C THR A 135 19.84 -0.34 -4.40
N ASN A 136 19.70 -1.09 -3.32
CA ASN A 136 19.96 -2.53 -3.31
C ASN A 136 19.01 -3.26 -2.35
N PRO A 137 18.06 -4.05 -2.88
CA PRO A 137 17.80 -4.38 -4.28
C PRO A 137 17.44 -3.15 -5.12
N PRO A 138 17.95 -3.08 -6.36
CA PRO A 138 17.71 -1.90 -7.20
C PRO A 138 16.22 -1.67 -7.41
N VAL A 139 15.80 -0.42 -7.36
CA VAL A 139 14.42 -0.11 -7.65
C VAL A 139 14.38 1.27 -8.30
N GLU A 140 13.44 1.46 -9.21
CA GLU A 140 13.29 2.71 -9.92
C GLU A 140 12.61 3.76 -9.03
N GLY A 141 13.07 5.00 -9.11
CA GLY A 141 12.45 6.09 -8.38
C GLY A 141 12.60 7.36 -9.17
N ALA A 142 12.08 8.48 -8.67
CA ALA A 142 12.15 9.76 -9.40
C ALA A 142 12.16 10.93 -8.43
N PHE A 143 12.57 12.10 -8.94
CA PHE A 143 12.66 13.32 -8.14
C PHE A 143 11.39 14.15 -8.22
N TYR A 144 11.00 14.77 -7.12
CA TYR A 144 9.88 15.71 -7.17
C TYR A 144 10.14 16.81 -6.16
N TRP A 145 9.94 18.05 -6.59
CA TRP A 145 10.24 19.23 -5.77
C TRP A 145 9.03 19.68 -4.97
N LEU A 146 9.20 19.76 -3.65
CA LEU A 146 8.16 20.22 -2.72
C LEU A 146 8.05 21.74 -2.68
N ASN A 147 9.15 22.40 -2.96
CA ASN A 147 9.24 23.87 -3.02
C ASN A 147 10.51 24.21 -3.78
N ASN A 148 10.94 25.47 -3.71
CA ASN A 148 12.07 25.92 -4.50
C ASN A 148 13.42 25.42 -3.98
N ARG A 149 13.41 24.87 -2.76
CA ARG A 149 14.65 24.52 -2.08
C ARG A 149 14.81 23.03 -1.77
N GLU A 150 13.72 22.28 -1.74
CA GLU A 150 13.79 20.89 -1.29
C GLU A 150 13.24 19.93 -2.31
N VAL A 151 14.05 18.93 -2.68
CA VAL A 151 13.63 17.95 -3.67
C VAL A 151 13.58 16.59 -3.01
N ARG A 152 12.65 15.77 -3.47
CA ARG A 152 12.41 14.46 -2.89
C ARG A 152 12.62 13.35 -3.92
N TRP A 153 13.03 12.18 -3.46
CA TRP A 153 13.16 11.03 -4.34
C TRP A 153 12.59 9.79 -3.67
N ARG A 154 11.73 9.08 -4.37
CA ARG A 154 11.14 7.87 -3.84
C ARG A 154 10.78 6.91 -4.98
N PRO A 155 10.57 5.63 -4.65
CA PRO A 155 10.06 4.71 -5.67
C PRO A 155 8.55 4.87 -5.83
N GLU A 156 7.98 4.06 -6.71
CA GLU A 156 6.55 4.10 -6.99
C GLU A 156 5.74 3.56 -5.83
N HIS A 157 6.19 2.42 -5.28
CA HIS A 157 5.54 1.80 -4.13
C HIS A 157 6.46 1.86 -2.92
N PHE A 158 5.91 1.60 -1.72
CA PHE A 158 6.68 1.58 -0.49
C PHE A 158 7.92 0.72 -0.65
N TRP A 159 9.03 1.13 -0.05
CA TRP A 159 10.28 0.34 -0.06
C TRP A 159 10.06 -1.09 0.38
N LYS A 160 10.82 -1.99 -0.21
CA LYS A 160 10.93 -3.36 0.27
C LYS A 160 11.88 -3.39 1.46
N PRO A 161 11.45 -3.96 2.59
CA PRO A 161 12.33 -4.04 3.77
C PRO A 161 13.67 -4.69 3.47
N GLY A 162 14.75 -4.17 4.04
CA GLY A 162 16.08 -4.73 3.84
C GLY A 162 16.80 -4.07 2.67
N THR A 163 16.21 -2.99 2.16
CA THR A 163 16.81 -2.27 1.04
C THR A 163 17.87 -1.26 1.52
N ALA A 164 19.05 -1.33 0.90
CA ALA A 164 20.09 -0.33 1.12
C ALA A 164 19.86 0.86 0.19
N VAL A 165 19.96 2.06 0.74
CA VAL A 165 19.84 3.28 -0.04
C VAL A 165 21.07 4.15 0.16
N ASP A 166 21.68 4.54 -0.94
CA ASP A 166 22.88 5.36 -0.89
C ASP A 166 22.65 6.65 -1.66
N VAL A 167 22.88 7.78 -0.99
CA VAL A 167 22.62 9.10 -1.56
C VAL A 167 23.92 9.91 -1.66
N ALA A 168 24.40 10.11 -2.89
CA ALA A 168 25.56 10.96 -3.14
C ALA A 168 25.13 12.28 -3.76
N VAL A 169 25.16 13.34 -2.97
CA VAL A 169 24.76 14.65 -3.44
C VAL A 169 26.04 15.37 -3.89
N ASN A 170 26.34 15.22 -5.17
CA ASN A 170 27.60 15.63 -5.74
C ASN A 170 27.49 17.02 -6.36
N THR A 171 27.25 17.99 -5.49
CA THR A 171 26.94 19.34 -5.92
C THR A 171 28.15 20.26 -5.95
N TYR A 172 29.26 19.83 -5.36
CA TYR A 172 30.44 20.67 -5.41
C TYR A 172 30.91 20.79 -6.86
N GLY A 173 31.14 22.02 -7.28
CA GLY A 173 31.61 22.31 -8.62
C GLY A 173 30.51 22.30 -9.66
N VAL A 174 29.29 21.98 -9.24
CA VAL A 174 28.16 21.94 -10.17
C VAL A 174 27.44 23.29 -10.27
N ASP A 175 27.27 23.80 -11.49
CA ASP A 175 26.46 25.00 -11.74
C ASP A 175 24.98 24.68 -11.58
N LEU A 176 24.36 25.19 -10.53
CA LEU A 176 22.93 24.96 -10.30
C LEU A 176 22.05 26.09 -10.86
N GLY A 177 22.66 26.95 -11.67
CA GLY A 177 21.91 27.97 -12.37
C GLY A 177 22.09 29.35 -11.78
N GLU A 178 22.12 30.35 -12.66
CA GLU A 178 22.26 31.74 -12.25
C GLU A 178 23.49 31.94 -11.37
N GLY A 179 24.58 31.26 -11.70
CA GLY A 179 25.85 31.44 -11.00
C GLY A 179 25.88 30.85 -9.60
N MET A 180 24.89 30.02 -9.28
CA MET A 180 24.85 29.34 -8.00
C MET A 180 25.51 27.98 -8.09
N PHE A 181 26.53 27.73 -7.26
CA PHE A 181 27.22 26.44 -7.26
C PHE A 181 27.11 25.79 -5.89
N GLY A 182 27.31 24.48 -5.81
CA GLY A 182 27.24 23.78 -4.53
C GLY A 182 28.40 24.18 -3.63
N GLU A 183 28.12 24.51 -2.37
CA GLU A 183 29.17 24.81 -1.38
C GLU A 183 30.01 23.58 -1.08
N ASP A 184 29.37 22.42 -1.09
CA ASP A 184 30.02 21.16 -0.76
C ASP A 184 29.22 19.99 -1.30
N ASN A 185 29.81 18.79 -1.27
CA ASN A 185 29.07 17.54 -1.41
C ASN A 185 28.58 17.07 -0.06
N VAL A 186 27.47 16.34 -0.03
CA VAL A 186 27.10 15.59 1.16
C VAL A 186 26.72 14.16 0.80
N GLN A 187 26.86 13.27 1.75
CA GLN A 187 26.56 11.87 1.53
C GLN A 187 25.74 11.34 2.69
N THR A 188 24.82 10.42 2.41
CA THR A 188 24.16 9.69 3.47
C THR A 188 23.85 8.27 2.96
N HIS A 189 23.82 7.33 3.89
CA HIS A 189 23.42 5.98 3.56
C HIS A 189 22.47 5.48 4.64
N PHE A 190 21.37 4.85 4.24
CA PHE A 190 20.43 4.32 5.22
C PHE A 190 19.82 3.01 4.74
N THR A 191 19.10 2.36 5.65
CA THR A 191 18.54 1.05 5.34
C THR A 191 17.05 1.03 5.68
N ILE A 192 16.27 0.29 4.90
CA ILE A 192 14.85 0.13 5.16
C ILE A 192 14.62 -1.05 6.11
N GLY A 193 13.93 -0.79 7.21
CA GLY A 193 13.60 -1.84 8.18
C GLY A 193 12.24 -2.46 7.95
N ASP A 194 11.60 -2.93 9.02
CA ASP A 194 10.29 -3.59 8.95
C ASP A 194 9.22 -2.72 8.30
N GLU A 195 8.29 -3.36 7.60
CA GLU A 195 7.12 -2.66 7.11
C GLU A 195 6.13 -2.39 8.27
N VAL A 196 6.00 -1.12 8.63
CA VAL A 196 5.07 -0.76 9.70
C VAL A 196 4.02 0.21 9.13
N ILE A 197 2.77 -0.22 9.12
CA ILE A 197 1.69 0.58 8.56
C ILE A 197 0.53 0.60 9.53
N ALA A 198 0.20 1.79 9.99
CA ALA A 198 -0.87 1.96 10.96
C ALA A 198 -2.03 2.63 10.26
N THR A 199 -3.20 2.00 10.29
CA THR A 199 -4.35 2.50 9.55
C THR A 199 -5.39 3.05 10.52
N ALA A 200 -5.76 4.32 10.36
CA ALA A 200 -6.86 4.88 11.14
C ALA A 200 -8.13 4.96 10.28
N ASP A 201 -9.13 4.16 10.65
CA ASP A 201 -10.41 4.12 9.95
C ASP A 201 -11.45 4.90 10.74
N ASP A 202 -11.94 6.00 10.18
CA ASP A 202 -12.92 6.81 10.88
C ASP A 202 -14.23 6.04 11.08
N ASN A 203 -14.50 5.06 10.22
CA ASN A 203 -15.70 4.22 10.36
C ASN A 203 -15.69 3.42 11.65
N THR A 204 -14.49 3.08 12.14
CA THR A 204 -14.40 2.30 13.37
C THR A 204 -13.75 3.09 14.50
N LYS A 205 -13.07 4.18 14.14
CA LYS A 205 -12.27 4.97 15.09
C LYS A 205 -11.19 4.10 15.74
N ILE A 206 -10.69 3.14 14.99
CA ILE A 206 -9.56 2.33 15.45
C ILE A 206 -8.31 2.64 14.62
N LEU A 207 -7.18 2.87 15.29
CA LEU A 207 -5.87 2.92 14.65
C LEU A 207 -5.19 1.55 14.81
N THR A 208 -5.10 0.81 13.72
CA THR A 208 -4.54 -0.54 13.70
C THR A 208 -3.08 -0.54 13.27
N VAL A 209 -2.18 -1.02 14.11
CA VAL A 209 -0.78 -1.12 13.69
C VAL A 209 -0.49 -2.52 13.13
N ARG A 210 -0.02 -2.55 11.88
CA ARG A 210 0.41 -3.79 11.26
C ARG A 210 1.92 -3.78 10.99
N VAL A 211 2.60 -4.81 11.49
CA VAL A 211 4.04 -4.95 11.34
C VAL A 211 4.30 -6.15 10.44
N ASN A 212 4.86 -5.87 9.25
CA ASN A 212 5.04 -6.88 8.19
C ASN A 212 3.76 -7.68 7.94
N GLY A 213 2.63 -6.98 7.87
CA GLY A 213 1.35 -7.60 7.53
C GLY A 213 0.55 -8.11 8.73
N GLU A 214 1.17 -8.14 9.90
CA GLU A 214 0.52 -8.68 11.10
C GLU A 214 0.02 -7.61 12.07
N VAL A 215 -1.20 -7.81 12.57
CA VAL A 215 -1.82 -6.89 13.50
C VAL A 215 -1.19 -7.06 14.87
N VAL A 216 -0.56 -6.01 15.36
CA VAL A 216 0.15 -6.11 16.63
C VAL A 216 -0.44 -5.16 17.66
N LYS A 217 -1.27 -4.23 17.21
CA LYS A 217 -1.89 -3.27 18.11
C LYS A 217 -3.15 -2.66 17.50
N SER A 218 -4.16 -2.47 18.35
CA SER A 218 -5.41 -1.84 17.95
C SER A 218 -5.77 -0.74 18.94
N MET A 219 -5.69 0.50 18.49
CA MET A 219 -5.78 1.63 19.40
C MET A 219 -7.06 2.42 19.17
N PRO A 220 -7.92 2.48 20.20
CA PRO A 220 -9.07 3.39 20.09
C PRO A 220 -8.56 4.81 19.89
N THR A 221 -9.11 5.53 18.94
CA THR A 221 -8.62 6.89 18.70
C THR A 221 -9.75 7.88 18.55
N SER A 222 -9.46 9.13 18.87
CA SER A 222 -10.33 10.26 18.57
C SER A 222 -9.59 11.17 17.60
N MET A 223 -10.18 11.40 16.43
CA MET A 223 -9.53 12.20 15.40
C MET A 223 -10.18 13.60 15.33
N GLY A 224 -9.92 14.35 14.26
CA GLY A 224 -10.48 15.69 14.16
C GLY A 224 -12.00 15.74 14.11
N LYS A 225 -12.59 16.58 14.96
CA LYS A 225 -14.03 16.88 14.89
C LYS A 225 -14.40 17.41 13.51
N ASP A 226 -15.69 17.37 13.18
CA ASP A 226 -16.15 17.71 11.83
C ASP A 226 -15.62 19.04 11.32
N SER A 227 -15.59 20.05 12.19
CA SER A 227 -15.16 21.38 11.81
C SER A 227 -13.65 21.50 11.65
N THR A 228 -12.89 20.62 12.29
CA THR A 228 -11.43 20.56 12.06
C THR A 228 -11.01 19.10 11.79
N PRO A 229 -11.41 18.58 10.64
CA PRO A 229 -11.28 17.13 10.46
C PRO A 229 -9.84 16.69 10.15
N THR A 230 -9.53 15.43 10.42
CA THR A 230 -8.28 14.84 10.01
C THR A 230 -8.37 14.53 8.52
N ALA A 231 -7.38 14.95 7.74
CA ALA A 231 -7.38 14.67 6.31
C ALA A 231 -7.12 13.19 6.04
N ASN A 232 -7.84 12.62 5.08
CA ASN A 232 -7.55 11.25 4.62
C ASN A 232 -6.23 11.21 3.86
N GLY A 233 -5.64 10.03 3.75
CA GLY A 233 -4.47 9.86 2.92
C GLY A 233 -3.30 9.19 3.60
N ILE A 234 -2.17 9.18 2.91
CA ILE A 234 -0.97 8.52 3.43
C ILE A 234 -0.05 9.54 4.11
N TYR A 235 0.31 9.26 5.37
CA TYR A 235 1.22 10.10 6.15
C TYR A 235 2.53 9.37 6.44
N ILE A 236 3.66 10.08 6.32
CA ILE A 236 4.97 9.54 6.68
C ILE A 236 5.33 9.95 8.12
N VAL A 237 5.76 8.99 8.93
CA VAL A 237 6.17 9.31 10.29
C VAL A 237 7.46 10.13 10.25
N GLY A 238 7.44 11.28 10.92
CA GLY A 238 8.62 12.11 11.07
C GLY A 238 9.26 11.90 12.44
N SER A 239 9.40 12.98 13.21
CA SER A 239 10.09 12.91 14.49
C SER A 239 9.21 12.45 15.65
N ARG A 240 9.86 11.96 16.71
CA ARG A 240 9.20 11.44 17.90
C ARG A 240 9.59 12.28 19.12
N TYR A 241 8.65 12.49 20.03
CA TYR A 241 8.93 13.32 21.19
C TYR A 241 8.37 12.71 22.47
N LYS A 242 9.21 12.55 23.50
CA LYS A 242 8.74 12.12 24.81
C LYS A 242 7.67 13.09 25.33
N HIS A 243 7.89 14.38 25.09
CA HIS A 243 6.88 15.37 25.38
C HIS A 243 7.16 16.57 24.50
N ILE A 244 6.14 17.37 24.23
CA ILE A 244 6.32 18.52 23.37
C ILE A 244 5.17 19.48 23.56
N ILE A 245 5.46 20.77 23.47
CA ILE A 245 4.43 21.78 23.44
C ILE A 245 3.95 21.96 22.01
N MET A 246 2.73 21.49 21.73
CA MET A 246 2.18 21.66 20.40
C MET A 246 1.59 23.07 20.28
N ASP A 247 2.28 23.91 19.52
CA ASP A 247 1.90 25.30 19.31
C ASP A 247 1.29 25.44 17.92
N SER A 248 0.00 25.79 17.84
CA SER A 248 -0.72 25.81 16.57
C SER A 248 -0.15 26.83 15.60
N SER A 249 0.51 27.85 16.13
CA SER A 249 1.07 28.89 15.26
C SER A 249 2.26 28.40 14.45
N THR A 250 2.88 27.31 14.91
CA THR A 250 3.92 26.61 14.13
C THR A 250 3.36 26.18 12.78
N TYR A 251 2.06 25.89 12.75
CA TYR A 251 1.39 25.33 11.57
C TYR A 251 0.41 26.31 10.94
N GLY A 252 0.60 27.61 11.20
CA GLY A 252 -0.15 28.63 10.50
C GLY A 252 -1.36 29.20 11.23
N VAL A 253 -1.78 28.55 12.31
CA VAL A 253 -2.99 28.97 13.01
C VAL A 253 -2.65 29.72 14.30
N PRO A 254 -3.09 30.98 14.41
CA PRO A 254 -2.84 31.76 15.63
C PRO A 254 -3.44 31.12 16.88
N VAL A 255 -2.66 31.00 17.96
CA VAL A 255 -3.13 30.35 19.18
C VAL A 255 -4.46 30.94 19.67
N ASN A 256 -4.58 32.26 19.58
CA ASN A 256 -5.75 32.98 20.04
C ASN A 256 -6.94 32.91 19.06
N SER A 257 -6.72 32.34 17.87
CA SER A 257 -7.80 32.13 16.91
C SER A 257 -8.72 30.99 17.38
N PRO A 258 -9.93 30.85 16.80
CA PRO A 258 -10.87 29.82 17.30
C PRO A 258 -10.39 28.37 17.15
N ASN A 259 -9.52 28.11 16.19
CA ASN A 259 -8.99 26.77 16.04
C ASN A 259 -7.56 26.68 16.54
N GLY A 260 -7.11 27.75 17.21
CA GLY A 260 -5.78 27.80 17.77
C GLY A 260 -5.66 26.97 19.05
N TYR A 261 -4.42 26.69 19.45
CA TYR A 261 -4.14 25.93 20.65
C TYR A 261 -2.67 25.99 21.00
N ARG A 262 -2.38 25.65 22.26
CA ARG A 262 -1.02 25.42 22.72
C ARG A 262 -1.17 24.40 23.82
N THR A 263 -0.68 23.19 23.58
CA THR A 263 -0.86 22.13 24.57
C THR A 263 0.41 21.35 24.79
N ASP A 264 0.74 21.15 26.06
CA ASP A 264 1.81 20.24 26.41
C ASP A 264 1.28 18.80 26.32
N VAL A 265 1.91 17.96 25.50
CA VAL A 265 1.45 16.58 25.37
C VAL A 265 2.62 15.62 25.44
N ASP A 266 2.30 14.38 25.79
CA ASP A 266 3.31 13.35 25.95
C ASP A 266 3.35 12.45 24.73
N TRP A 267 4.46 11.74 24.56
CA TRP A 267 4.57 10.64 23.60
C TRP A 267 3.99 11.02 22.24
N ALA A 268 4.59 12.00 21.60
CA ALA A 268 4.03 12.57 20.38
C ALA A 268 4.85 12.19 19.16
N THR A 269 4.16 11.59 18.21
CA THR A 269 4.77 11.23 16.95
C THR A 269 4.17 12.07 15.82
N GLN A 270 4.99 12.93 15.22
CA GLN A 270 4.54 13.79 14.13
C GLN A 270 4.34 13.00 12.84
N ILE A 271 3.21 13.23 12.15
CA ILE A 271 3.02 12.57 10.86
C ILE A 271 2.64 13.55 9.71
N SER A 272 2.55 14.84 10.01
CA SER A 272 2.49 15.86 8.95
C SER A 272 3.14 17.17 9.40
N TYR A 273 3.71 17.92 8.45
CA TYR A 273 4.22 19.26 8.70
C TYR A 273 3.07 20.19 9.07
N SER A 274 1.86 19.82 8.65
CA SER A 274 0.67 20.61 8.95
C SER A 274 0.27 20.49 10.42
N GLY A 275 0.95 19.62 11.15
CA GLY A 275 0.75 19.54 12.59
C GLY A 275 -0.03 18.34 13.12
N VAL A 276 -0.23 17.35 12.27
CA VAL A 276 -0.87 16.13 12.76
C VAL A 276 0.15 15.25 13.51
N PHE A 277 -0.21 14.92 14.75
CA PHE A 277 0.57 14.03 15.60
C PHE A 277 -0.29 12.85 16.06
N VAL A 278 0.32 11.70 16.27
CA VAL A 278 -0.24 10.70 17.18
C VAL A 278 0.33 10.97 18.58
N HIS A 279 -0.52 11.11 19.57
CA HIS A 279 -0.04 11.57 20.87
C HIS A 279 -0.98 11.18 22.02
N SER A 280 -0.44 11.22 23.23
CA SER A 280 -1.22 10.94 24.43
C SER A 280 -2.28 12.00 24.68
N ALA A 281 -3.52 11.55 24.85
CA ALA A 281 -4.64 12.44 25.07
C ALA A 281 -5.49 11.93 26.24
N PRO A 282 -5.01 12.14 27.48
CA PRO A 282 -5.74 11.68 28.66
C PRO A 282 -7.14 12.27 28.74
N TRP A 283 -7.30 13.51 28.29
CA TRP A 283 -8.58 14.22 28.36
C TRP A 283 -9.70 13.64 27.50
N SER A 284 -9.38 12.83 26.50
CA SER A 284 -10.45 12.30 25.63
C SER A 284 -10.55 10.77 25.57
N VAL A 285 -9.98 10.08 26.56
CA VAL A 285 -10.01 8.60 26.56
C VAL A 285 -11.45 8.11 26.42
N GLY A 286 -12.40 8.86 26.94
CA GLY A 286 -13.82 8.51 26.85
C GLY A 286 -14.38 8.59 25.44
N ALA A 287 -13.84 9.51 24.64
CA ALA A 287 -14.35 9.68 23.28
C ALA A 287 -13.64 8.74 22.31
N GLN A 288 -12.45 8.28 22.69
CA GLN A 288 -11.61 7.49 21.79
C GLN A 288 -12.27 6.14 21.51
N GLY A 289 -12.39 5.82 20.22
CA GLY A 289 -13.12 4.64 19.78
C GLY A 289 -14.56 4.95 19.44
N HIS A 290 -14.99 6.19 19.72
CA HIS A 290 -16.40 6.57 19.65
C HIS A 290 -16.69 7.83 18.82
N THR A 291 -16.17 8.97 19.27
CA THR A 291 -16.43 10.25 18.61
C THR A 291 -15.14 11.08 18.38
N ASN A 292 -15.12 11.89 17.32
CA ASN A 292 -13.97 12.74 17.02
C ASN A 292 -14.06 14.06 17.78
N THR A 293 -12.98 14.42 18.47
CA THR A 293 -12.99 15.60 19.32
C THR A 293 -11.79 16.55 19.09
N SER A 294 -10.81 16.17 18.28
CA SER A 294 -9.57 16.94 18.27
C SER A 294 -9.52 18.01 17.18
N HIS A 295 -8.36 18.67 17.06
CA HIS A 295 -8.11 19.66 16.02
C HIS A 295 -7.60 19.01 14.73
N GLY A 296 -7.34 17.72 14.78
CA GLY A 296 -6.91 16.99 13.61
C GLY A 296 -5.94 15.90 13.99
N CYS A 297 -5.36 16.01 15.18
CA CYS A 297 -4.43 15.01 15.71
C CYS A 297 -5.12 13.67 15.97
N LEU A 298 -4.34 12.60 15.98
CA LEU A 298 -4.89 11.30 16.38
C LEU A 298 -4.68 11.13 17.87
N ASN A 299 -5.72 11.48 18.64
CA ASN A 299 -5.75 11.24 20.07
C ASN A 299 -5.76 9.74 20.35
N VAL A 300 -4.84 9.25 21.17
CA VAL A 300 -4.94 7.89 21.71
C VAL A 300 -4.60 7.92 23.19
N SER A 301 -4.83 6.79 23.87
CA SER A 301 -4.53 6.69 25.30
C SER A 301 -3.04 6.89 25.57
N PRO A 302 -2.69 7.27 26.81
CA PRO A 302 -1.30 7.43 27.21
C PRO A 302 -0.45 6.20 26.93
N SER A 303 -0.94 5.01 27.28
CA SER A 303 -0.13 3.80 27.10
C SER A 303 0.05 3.50 25.61
N ASN A 304 -0.99 3.76 24.81
CA ASN A 304 -0.91 3.51 23.37
C ASN A 304 0.02 4.50 22.66
N ALA A 305 -0.02 5.76 23.09
CA ALA A 305 0.87 6.77 22.55
C ALA A 305 2.32 6.36 22.81
N GLN A 306 2.60 5.90 24.03
CA GLN A 306 3.95 5.49 24.38
C GLN A 306 4.34 4.24 23.61
N TRP A 307 3.38 3.32 23.45
CA TRP A 307 3.60 2.16 22.60
C TRP A 307 4.01 2.60 21.20
N PHE A 308 3.23 3.52 20.64
CA PHE A 308 3.50 4.05 19.31
C PHE A 308 4.88 4.71 19.25
N TYR A 309 5.18 5.55 20.24
CA TYR A 309 6.51 6.16 20.36
C TYR A 309 7.60 5.10 20.38
N ASP A 310 7.38 4.02 21.14
CA ASP A 310 8.39 2.95 21.27
C ASP A 310 8.51 2.09 20.02
N HIS A 311 7.43 1.90 19.29
CA HIS A 311 7.46 0.89 18.23
C HIS A 311 7.48 1.44 16.81
N VAL A 312 7.25 2.74 16.66
CA VAL A 312 7.18 3.32 15.33
C VAL A 312 8.42 4.17 15.10
N LYS A 313 8.96 4.13 13.88
CA LYS A 313 10.19 4.85 13.56
C LYS A 313 9.97 5.79 12.39
N ARG A 314 10.90 6.73 12.22
CA ARG A 314 10.87 7.66 11.11
C ARG A 314 10.72 6.92 9.78
N GLY A 315 9.75 7.33 8.97
CA GLY A 315 9.53 6.68 7.70
C GLY A 315 8.47 5.60 7.70
N ASP A 316 7.99 5.21 8.87
CA ASP A 316 6.82 4.34 8.95
C ASP A 316 5.58 5.09 8.46
N ILE A 317 4.50 4.36 8.20
CA ILE A 317 3.34 4.93 7.54
C ILE A 317 2.08 4.92 8.41
N VAL A 318 1.39 6.05 8.46
CA VAL A 318 0.03 6.10 8.98
C VAL A 318 -0.95 6.42 7.85
N GLU A 319 -1.92 5.55 7.61
CA GLU A 319 -2.93 5.85 6.61
C GLU A 319 -4.26 6.18 7.25
N VAL A 320 -4.86 7.29 6.85
CA VAL A 320 -6.16 7.68 7.37
C VAL A 320 -7.22 7.50 6.29
N VAL A 321 -8.34 6.88 6.65
CA VAL A 321 -9.40 6.63 5.68
C VAL A 321 -10.79 6.93 6.24
N ASN A 322 -11.69 7.36 5.34
CA ASN A 322 -13.11 7.57 5.63
C ASN A 322 -13.48 8.73 6.55
N THR A 323 -12.58 9.67 6.78
CA THR A 323 -12.98 10.87 7.52
C THR A 323 -13.76 11.81 6.60
N VAL A 324 -14.33 12.86 7.17
CA VAL A 324 -15.01 13.86 6.36
C VAL A 324 -14.05 14.87 5.78
N GLY A 325 -12.77 14.72 6.07
CA GLY A 325 -11.78 15.65 5.56
C GLY A 325 -11.51 15.43 4.08
N GLY A 326 -10.62 16.23 3.52
CA GLY A 326 -10.17 15.97 2.17
C GLY A 326 -9.01 15.00 2.24
N THR A 327 -8.01 15.27 1.40
CA THR A 327 -6.82 14.43 1.31
C THR A 327 -5.63 15.28 1.68
N LEU A 328 -4.74 14.74 2.51
CA LEU A 328 -3.51 15.44 2.88
C LEU A 328 -2.71 15.89 1.64
N PRO A 329 -2.38 17.18 1.55
CA PRO A 329 -1.60 17.73 0.44
C PRO A 329 -0.33 16.95 0.12
N GLY A 330 -0.12 16.65 -1.15
CA GLY A 330 1.07 15.92 -1.58
C GLY A 330 2.38 16.62 -1.22
N ILE A 331 2.32 17.94 -1.11
CA ILE A 331 3.54 18.69 -0.80
C ILE A 331 3.53 19.17 0.65
N ASP A 332 2.84 18.44 1.51
CA ASP A 332 2.83 18.75 2.95
C ASP A 332 4.23 18.84 3.51
N GLY A 333 5.08 17.92 3.09
CA GLY A 333 6.36 17.69 3.73
C GLY A 333 6.48 16.24 4.14
N LEU A 334 5.35 15.63 4.50
CA LEU A 334 5.30 14.21 4.83
C LEU A 334 4.14 13.54 4.08
N GLY A 335 3.68 14.19 3.01
CA GLY A 335 2.52 13.68 2.30
C GLY A 335 2.87 13.19 0.90
N ASP A 336 4.15 12.89 0.67
CA ASP A 336 4.65 12.63 -0.68
C ASP A 336 3.89 11.48 -1.37
N TRP A 337 3.42 10.51 -0.60
CA TRP A 337 2.78 9.33 -1.16
C TRP A 337 1.39 9.64 -1.69
N ASN A 338 0.86 10.83 -1.41
CA ASN A 338 -0.47 11.16 -1.90
C ASN A 338 -0.43 11.74 -3.32
N ILE A 339 0.77 11.98 -3.84
CA ILE A 339 0.90 12.40 -5.24
C ILE A 339 0.96 11.15 -6.12
N PRO A 340 0.06 11.03 -7.11
CA PRO A 340 0.06 9.84 -7.96
C PRO A 340 1.41 9.64 -8.67
N TRP A 341 1.80 8.38 -8.90
CA TRP A 341 3.12 8.08 -9.42
C TRP A 341 3.42 8.76 -10.76
N ASP A 342 2.44 8.79 -11.66
CA ASP A 342 2.67 9.38 -12.98
C ASP A 342 3.04 10.87 -12.87
N GLN A 343 2.36 11.56 -11.97
CA GLN A 343 2.63 12.96 -11.67
C GLN A 343 4.00 13.11 -11.00
N TRP A 344 4.28 12.26 -10.01
CA TRP A 344 5.57 12.27 -9.33
C TRP A 344 6.71 11.99 -10.30
N ARG A 345 6.60 10.87 -11.01
CA ARG A 345 7.59 10.48 -12.01
C ARG A 345 7.84 11.56 -13.05
N ALA A 346 6.78 12.22 -13.51
CA ALA A 346 6.94 13.30 -14.49
C ALA A 346 7.78 14.45 -13.92
N GLY A 347 7.72 14.61 -12.60
CA GLY A 347 8.55 15.61 -11.94
C GLY A 347 8.08 17.03 -12.18
N ASN A 348 8.88 17.99 -11.75
CA ASN A 348 8.57 19.41 -11.92
C ASN A 348 9.88 20.17 -11.93
N ALA A 349 10.88 19.56 -12.56
CA ALA A 349 12.18 20.17 -12.76
C ALA A 349 12.05 21.35 -13.70
N LYS A 350 10.98 21.33 -14.51
CA LYS A 350 10.67 22.31 -15.55
C LYS A 350 11.90 22.89 -16.22
N LEU B 1 5.20 29.69 -23.19
CA LEU B 1 5.13 28.36 -22.58
C LEU B 1 4.66 27.31 -23.58
N VAL B 2 5.50 26.32 -23.84
CA VAL B 2 5.18 25.21 -24.72
C VAL B 2 4.31 24.20 -23.94
N PRO B 3 3.25 23.66 -24.57
CA PRO B 3 2.41 22.70 -23.83
C PRO B 3 3.21 21.49 -23.37
N LYS B 4 2.83 20.93 -22.21
CA LYS B 4 3.48 19.74 -21.69
C LYS B 4 2.51 18.56 -21.62
N LEU B 5 3.02 17.38 -21.97
CA LEU B 5 2.26 16.13 -21.92
C LEU B 5 2.68 15.26 -20.74
N THR B 6 1.71 14.71 -20.03
CA THR B 6 2.00 13.77 -18.94
C THR B 6 1.11 12.51 -19.06
N ALA B 7 1.74 11.38 -19.34
CA ALA B 7 1.05 10.11 -19.48
C ALA B 7 1.18 9.31 -18.19
N SER B 8 0.23 8.40 -17.94
CA SER B 8 0.29 7.59 -16.73
C SER B 8 1.15 6.35 -16.95
N VAL B 9 1.73 6.25 -18.13
CA VAL B 9 2.67 5.18 -18.43
C VAL B 9 3.93 5.82 -18.99
N THR B 10 5.06 5.14 -18.91
CA THR B 10 6.24 5.63 -19.58
C THR B 10 6.58 4.79 -20.80
N ASP B 11 7.09 5.46 -21.82
CA ASP B 11 7.54 4.82 -23.03
C ASP B 11 8.55 3.74 -22.69
N GLY B 12 8.38 2.56 -23.27
CA GLY B 12 9.27 1.45 -22.99
C GLY B 12 8.96 0.64 -21.75
N ALA B 13 7.89 0.96 -21.02
CA ALA B 13 7.59 0.21 -19.79
C ALA B 13 7.07 -1.18 -20.10
N VAL B 14 7.38 -2.11 -19.20
CA VAL B 14 6.93 -3.49 -19.27
C VAL B 14 6.22 -3.81 -17.93
N GLY B 15 5.32 -4.80 -17.93
CA GLY B 15 4.60 -5.18 -16.72
C GLY B 15 3.60 -4.15 -16.24
N VAL B 16 3.18 -3.26 -17.13
CA VAL B 16 2.18 -2.25 -16.79
C VAL B 16 0.87 -2.94 -16.37
N THR B 17 0.41 -2.65 -15.15
CA THR B 17 -0.75 -3.39 -14.65
C THR B 17 -2.04 -2.80 -15.19
N VAL B 18 -3.03 -3.66 -15.30
CA VAL B 18 -4.15 -3.36 -16.11
C VAL B 18 -5.40 -3.20 -15.19
N ASP B 19 -5.14 -2.88 -13.93
CA ASP B 19 -6.20 -2.61 -12.94
C ASP B 19 -6.66 -1.15 -12.93
N ALA B 20 -5.97 -0.30 -13.69
CA ALA B 20 -6.34 1.12 -13.75
C ALA B 20 -6.34 1.59 -15.19
N PRO B 21 -7.11 2.64 -15.47
CA PRO B 21 -7.10 3.18 -16.83
C PRO B 21 -5.76 3.85 -17.14
N VAL B 22 -5.48 4.00 -18.43
CA VAL B 22 -4.32 4.75 -18.88
C VAL B 22 -4.78 6.14 -19.22
N SER B 23 -4.05 7.16 -18.77
CA SER B 23 -4.47 8.53 -19.04
C SER B 23 -3.30 9.39 -19.55
N VAL B 24 -3.67 10.53 -20.12
CA VAL B 24 -2.73 11.56 -20.56
C VAL B 24 -3.31 12.89 -20.14
N THR B 25 -2.42 13.77 -19.70
CA THR B 25 -2.77 15.10 -19.22
C THR B 25 -1.96 16.16 -19.96
N ALA B 26 -2.64 17.24 -20.38
CA ALA B 26 -1.93 18.39 -20.94
C ALA B 26 -1.86 19.52 -19.92
N ALA B 27 -0.74 20.24 -19.92
CA ALA B 27 -0.58 21.46 -19.13
C ALA B 27 -0.07 22.57 -20.05
N ASP B 28 -0.47 23.81 -19.78
CA ASP B 28 -0.22 24.97 -20.66
C ASP B 28 -0.66 24.72 -22.10
N GLY B 29 -1.85 24.14 -22.24
CA GLY B 29 -2.42 23.79 -23.52
C GLY B 29 -3.46 22.72 -23.32
N VAL B 30 -4.03 22.24 -24.42
CA VAL B 30 -5.08 21.24 -24.35
C VAL B 30 -4.74 20.08 -25.26
N LEU B 31 -5.43 18.95 -25.08
CA LEU B 31 -5.17 17.77 -25.90
C LEU B 31 -5.94 17.85 -27.21
N ALA B 32 -5.21 17.85 -28.32
CA ALA B 32 -5.79 17.98 -29.66
C ALA B 32 -6.04 16.61 -30.30
N ALA B 33 -5.22 15.63 -29.93
CA ALA B 33 -5.38 14.28 -30.47
C ALA B 33 -4.78 13.29 -29.52
N VAL B 34 -5.58 12.28 -29.15
CA VAL B 34 -5.08 11.17 -28.37
C VAL B 34 -5.65 9.89 -28.95
N THR B 35 -4.75 9.00 -29.36
CA THR B 35 -5.14 7.65 -29.78
C THR B 35 -4.25 6.63 -29.09
N MET B 36 -4.80 5.45 -28.85
CA MET B 36 -4.05 4.35 -28.31
C MET B 36 -4.49 3.10 -29.02
N VAL B 37 -3.53 2.34 -29.52
CA VAL B 37 -3.84 1.16 -30.30
C VAL B 37 -3.02 0.03 -29.75
N ASN B 38 -3.53 -1.18 -29.85
CA ASN B 38 -2.69 -2.33 -29.57
C ASN B 38 -1.98 -2.73 -30.85
N ASP B 39 -1.36 -3.90 -30.84
CA ASP B 39 -0.55 -4.35 -31.97
C ASP B 39 -1.33 -4.46 -33.27
N ASN B 40 -2.41 -5.24 -33.24
CA ASN B 40 -3.29 -5.42 -34.39
C ASN B 40 -3.70 -4.10 -35.05
N GLY B 41 -3.62 -3.01 -34.29
CA GLY B 41 -3.97 -1.69 -34.80
C GLY B 41 -5.34 -1.21 -34.33
N ARG B 42 -6.08 -2.06 -33.63
CA ARG B 42 -7.39 -1.67 -33.10
C ARG B 42 -7.24 -0.54 -32.06
N PRO B 43 -7.99 0.55 -32.26
CA PRO B 43 -7.99 1.67 -31.31
C PRO B 43 -8.65 1.29 -29.98
N VAL B 44 -8.06 1.70 -28.86
CA VAL B 44 -8.67 1.50 -27.56
C VAL B 44 -9.68 2.61 -27.32
N ALA B 45 -10.85 2.25 -26.81
CA ALA B 45 -11.88 3.22 -26.48
C ALA B 45 -11.38 4.20 -25.41
N GLY B 46 -11.64 5.48 -25.63
CA GLY B 46 -11.20 6.50 -24.71
C GLY B 46 -12.11 7.71 -24.72
N ARG B 47 -11.92 8.60 -23.75
CA ARG B 47 -12.71 9.81 -23.66
C ARG B 47 -11.83 10.97 -23.20
N LEU B 48 -12.05 12.11 -23.83
CA LEU B 48 -11.35 13.32 -23.50
C LEU B 48 -12.30 14.17 -22.67
N SER B 49 -11.79 14.77 -21.61
CA SER B 49 -12.61 15.62 -20.75
C SER B 49 -13.10 16.85 -21.52
N PRO B 50 -14.25 17.42 -21.11
CA PRO B 50 -14.76 18.64 -21.72
C PRO B 50 -13.76 19.81 -21.76
N ASP B 51 -12.92 19.99 -20.74
CA ASP B 51 -11.99 21.12 -20.78
C ASP B 51 -10.73 20.81 -21.61
N GLY B 52 -10.66 19.59 -22.16
CA GLY B 52 -9.58 19.19 -23.04
C GLY B 52 -8.25 18.87 -22.37
N LEU B 53 -8.26 18.77 -21.05
CA LEU B 53 -7.03 18.63 -20.30
C LEU B 53 -6.68 17.17 -19.96
N ARG B 54 -7.67 16.28 -20.01
CA ARG B 54 -7.47 14.91 -19.53
C ARG B 54 -8.18 13.90 -20.43
N TRP B 55 -7.43 12.93 -20.92
CA TRP B 55 -7.97 11.82 -21.70
C TRP B 55 -7.71 10.57 -20.91
N SER B 56 -8.57 9.58 -21.09
CA SER B 56 -8.40 8.34 -20.35
C SER B 56 -9.06 7.21 -21.09
N THR B 57 -8.52 6.02 -20.98
CA THR B 57 -9.17 4.84 -21.55
C THR B 57 -10.45 4.53 -20.78
N THR B 58 -11.46 4.01 -21.47
CA THR B 58 -12.79 3.81 -20.89
C THR B 58 -13.26 2.36 -20.98
N GLU B 59 -12.39 1.48 -21.46
CA GLU B 59 -12.72 0.07 -21.50
C GLU B 59 -11.59 -0.71 -20.86
N GLN B 60 -11.82 -2.00 -20.68
CA GLN B 60 -10.85 -2.86 -20.04
C GLN B 60 -9.65 -3.06 -20.95
N LEU B 61 -8.46 -2.88 -20.39
CA LEU B 61 -7.26 -3.12 -21.16
C LEU B 61 -6.84 -4.57 -20.91
N GLY B 62 -6.20 -5.19 -21.89
CA GLY B 62 -5.92 -6.61 -21.86
C GLY B 62 -4.55 -6.99 -21.34
N TYR B 63 -4.45 -8.22 -20.85
CA TYR B 63 -3.17 -8.80 -20.50
C TYR B 63 -2.35 -9.04 -21.75
N ASN B 64 -1.03 -9.10 -21.58
CA ASN B 64 -0.18 -9.60 -22.65
C ASN B 64 -0.37 -8.80 -23.95
N ARG B 65 -0.45 -7.48 -23.81
CA ARG B 65 -0.63 -6.63 -24.96
C ARG B 65 0.44 -5.55 -24.99
N ARG B 66 0.76 -5.12 -26.20
CA ARG B 66 1.69 -4.03 -26.44
C ARG B 66 0.87 -2.90 -27.05
N TYR B 67 0.75 -1.81 -26.30
CA TYR B 67 -0.06 -0.65 -26.70
C TYR B 67 0.84 0.52 -27.10
N THR B 68 0.40 1.28 -28.09
CA THR B 68 1.12 2.49 -28.49
C THR B 68 0.21 3.70 -28.39
N LEU B 69 0.63 4.66 -27.58
CA LEU B 69 -0.11 5.86 -27.32
C LEU B 69 0.51 7.04 -28.09
N ASN B 70 -0.31 7.76 -28.86
CA ASN B 70 0.12 9.00 -29.50
C ASN B 70 -0.72 10.15 -28.96
N ALA B 71 -0.08 11.20 -28.50
CA ALA B 71 -0.82 12.35 -28.00
C ALA B 71 -0.22 13.64 -28.53
N THR B 72 -1.08 14.60 -28.84
CA THR B 72 -0.65 15.93 -29.24
C THR B 72 -1.40 16.98 -28.43
N ALA B 73 -0.64 17.89 -27.82
CA ALA B 73 -1.18 19.02 -27.10
C ALA B 73 -0.89 20.31 -27.85
N LEU B 74 -1.88 21.18 -27.98
CA LEU B 74 -1.68 22.53 -28.55
C LEU B 74 -1.93 23.58 -27.48
N GLY B 75 -1.11 24.63 -27.49
CA GLY B 75 -1.34 25.78 -26.63
C GLY B 75 -1.02 27.03 -27.41
N LEU B 76 -1.28 28.19 -26.81
CA LEU B 76 -0.91 29.46 -27.43
C LEU B 76 0.58 29.48 -27.75
N GLY B 77 1.37 28.81 -26.92
CA GLY B 77 2.81 28.76 -27.08
C GLY B 77 3.32 27.68 -28.02
N GLY B 78 2.42 26.95 -28.68
CA GLY B 78 2.85 25.99 -29.68
C GLY B 78 2.32 24.57 -29.51
N ALA B 79 3.06 23.61 -30.02
CA ALA B 79 2.59 22.23 -30.05
C ALA B 79 3.59 21.28 -29.37
N ALA B 80 3.10 20.14 -28.92
CA ALA B 80 3.95 19.08 -28.40
C ALA B 80 3.35 17.73 -28.70
N THR B 81 4.15 16.83 -29.23
CA THR B 81 3.70 15.48 -29.55
C THR B 81 4.62 14.44 -28.93
N ARG B 82 4.01 13.37 -28.45
CA ARG B 82 4.76 12.26 -27.88
C ARG B 82 4.16 10.96 -28.37
N GLN B 83 5.03 9.96 -28.52
CA GLN B 83 4.61 8.60 -28.80
C GLN B 83 5.21 7.68 -27.75
N LEU B 84 4.36 6.83 -27.17
CA LEU B 84 4.75 5.93 -26.09
C LEU B 84 4.25 4.52 -26.36
N THR B 85 5.09 3.55 -26.08
CA THR B 85 4.75 2.15 -26.31
C THR B 85 5.11 1.38 -25.08
N PHE B 86 4.20 0.55 -24.61
CA PHE B 86 4.42 -0.17 -23.36
C PHE B 86 3.74 -1.52 -23.39
N GLN B 87 4.24 -2.46 -22.59
CA GLN B 87 3.65 -3.80 -22.49
C GLN B 87 2.99 -4.06 -21.14
N THR B 88 1.78 -4.61 -21.19
CA THR B 88 1.02 -4.89 -19.97
C THR B 88 1.45 -6.22 -19.34
N SER B 89 0.96 -6.45 -18.13
CA SER B 89 1.26 -7.68 -17.39
C SER B 89 1.01 -8.94 -18.21
N SER B 90 1.94 -9.88 -18.10
CA SER B 90 1.82 -11.17 -18.78
C SER B 90 1.69 -12.30 -17.74
N PRO B 91 0.44 -12.66 -17.37
CA PRO B 91 0.22 -13.67 -16.32
C PRO B 91 0.64 -15.08 -16.74
N ALA B 92 1.24 -15.81 -15.81
CA ALA B 92 1.41 -17.25 -16.00
C ALA B 92 0.07 -17.98 -15.82
N HIS B 93 -0.83 -17.38 -15.04
CA HIS B 93 -2.12 -17.99 -14.72
C HIS B 93 -3.18 -16.93 -14.42
N LEU B 94 -4.44 -17.27 -14.64
CA LEU B 94 -5.55 -16.42 -14.22
C LEU B 94 -6.37 -17.12 -13.14
N THR B 95 -6.93 -16.35 -12.21
CA THR B 95 -7.91 -16.94 -11.30
C THR B 95 -9.17 -16.08 -11.21
N MET B 96 -10.31 -16.76 -11.26
CA MET B 96 -11.60 -16.09 -11.19
C MET B 96 -12.17 -16.21 -9.76
N PRO B 97 -12.59 -15.08 -9.17
CA PRO B 97 -13.25 -15.13 -7.87
C PRO B 97 -14.72 -15.45 -8.00
N TYR B 98 -15.30 -16.07 -6.97
CA TYR B 98 -16.73 -16.33 -6.92
C TYR B 98 -17.20 -15.83 -5.56
N VAL B 99 -18.19 -14.96 -5.54
CA VAL B 99 -18.60 -14.36 -4.29
C VAL B 99 -19.98 -14.82 -3.84
N MET B 100 -20.11 -15.03 -2.55
CA MET B 100 -21.38 -15.29 -1.88
C MET B 100 -21.53 -14.32 -0.71
N PRO B 101 -22.78 -13.99 -0.33
CA PRO B 101 -24.03 -14.45 -0.91
C PRO B 101 -24.37 -13.74 -2.23
N GLY B 102 -25.50 -14.15 -2.81
CA GLY B 102 -25.96 -13.59 -4.08
C GLY B 102 -26.28 -12.11 -4.04
N ASP B 103 -26.13 -11.47 -5.20
CA ASP B 103 -26.41 -10.05 -5.37
C ASP B 103 -27.89 -9.73 -5.16
N GLY B 104 -28.16 -8.75 -4.30
CA GLY B 104 -29.53 -8.38 -3.99
C GLY B 104 -30.24 -9.33 -3.03
N GLU B 105 -29.52 -10.32 -2.53
CA GLU B 105 -30.12 -11.24 -1.55
C GLU B 105 -30.28 -10.60 -0.16
N VAL B 106 -31.28 -11.07 0.57
CA VAL B 106 -31.47 -10.76 1.99
C VAL B 106 -31.07 -12.00 2.81
N VAL B 107 -30.13 -11.84 3.73
CA VAL B 107 -29.58 -12.99 4.47
C VAL B 107 -29.62 -12.77 5.98
N GLY B 108 -29.33 -13.82 6.74
CA GLY B 108 -29.38 -13.75 8.19
C GLY B 108 -28.16 -13.10 8.82
N VAL B 109 -28.20 -12.88 10.14
CA VAL B 109 -27.20 -12.08 10.84
C VAL B 109 -25.85 -12.79 10.99
N GLY B 110 -25.76 -14.04 10.55
CA GLY B 110 -24.50 -14.77 10.58
C GLY B 110 -23.78 -14.94 9.26
N GLU B 111 -24.29 -14.33 8.19
CA GLU B 111 -23.72 -14.54 6.87
C GLU B 111 -22.39 -13.82 6.69
N PRO B 112 -21.31 -14.57 6.51
CA PRO B 112 -20.05 -13.89 6.19
C PRO B 112 -20.00 -13.52 4.72
N VAL B 113 -19.21 -12.51 4.37
CA VAL B 113 -18.82 -12.28 2.98
C VAL B 113 -17.90 -13.43 2.58
N ALA B 114 -18.17 -14.07 1.44
CA ALA B 114 -17.31 -15.15 0.96
C ALA B 114 -16.74 -14.87 -0.43
N ILE B 115 -15.43 -14.99 -0.55
CA ILE B 115 -14.77 -14.86 -1.84
C ILE B 115 -13.98 -16.12 -2.09
N ARG B 116 -14.44 -16.95 -3.02
CA ARG B 116 -13.74 -18.18 -3.37
C ARG B 116 -13.07 -18.07 -4.74
N PHE B 117 -11.74 -18.22 -4.76
CA PHE B 117 -10.97 -18.22 -6.00
C PHE B 117 -10.89 -19.64 -6.54
N ASP B 118 -10.86 -19.78 -7.87
CA ASP B 118 -10.79 -21.11 -8.48
C ASP B 118 -9.34 -21.63 -8.55
N GLU B 119 -8.40 -20.91 -7.93
CA GLU B 119 -7.00 -21.34 -7.87
C GLU B 119 -6.44 -21.00 -6.50
N ASN B 120 -5.35 -21.67 -6.10
CA ASN B 120 -4.70 -21.32 -4.84
C ASN B 120 -4.08 -19.94 -4.93
N ILE B 121 -4.22 -19.16 -3.87
CA ILE B 121 -3.74 -17.79 -3.85
C ILE B 121 -2.44 -17.69 -3.08
N ALA B 122 -1.35 -17.39 -3.78
CA ALA B 122 -0.02 -17.35 -3.18
C ALA B 122 0.18 -16.08 -2.36
N ASP B 123 -0.44 -14.97 -2.78
CA ASP B 123 -0.27 -13.73 -2.05
C ASP B 123 -1.61 -13.25 -1.49
N ARG B 124 -2.00 -13.84 -0.36
CA ARG B 124 -3.26 -13.55 0.30
C ARG B 124 -3.43 -12.07 0.60
N GLY B 125 -2.35 -11.44 1.08
CA GLY B 125 -2.36 -10.01 1.36
C GLY B 125 -2.87 -9.20 0.18
N ALA B 126 -2.44 -9.58 -1.02
CA ALA B 126 -2.78 -8.83 -2.23
C ALA B 126 -4.27 -9.03 -2.59
N ALA B 127 -4.76 -10.24 -2.39
CA ALA B 127 -6.20 -10.49 -2.58
C ALA B 127 -7.03 -9.64 -1.62
N GLU B 128 -6.64 -9.66 -0.34
CA GLU B 128 -7.35 -8.88 0.68
C GLU B 128 -7.37 -7.40 0.32
N LYS B 129 -6.24 -6.87 -0.10
CA LYS B 129 -6.17 -5.45 -0.45
C LYS B 129 -7.06 -5.12 -1.64
N ALA B 130 -7.28 -6.09 -2.52
CA ALA B 130 -8.06 -5.90 -3.75
C ALA B 130 -9.57 -5.95 -3.52
N ILE B 131 -9.97 -6.28 -2.29
CA ILE B 131 -11.38 -6.49 -1.95
C ILE B 131 -11.86 -5.36 -1.05
N LYS B 132 -12.84 -4.60 -1.55
CA LYS B 132 -13.34 -3.43 -0.85
C LYS B 132 -14.72 -3.74 -0.30
N ILE B 133 -14.81 -3.82 1.03
CA ILE B 133 -16.07 -4.08 1.70
C ILE B 133 -16.63 -2.78 2.25
N THR B 134 -17.87 -2.47 1.90
CA THR B 134 -18.54 -1.30 2.45
C THR B 134 -19.68 -1.79 3.33
N THR B 135 -19.85 -1.20 4.50
CA THR B 135 -20.98 -1.58 5.35
C THR B 135 -21.73 -0.33 5.80
N ASN B 136 -23.05 -0.44 5.90
CA ASN B 136 -23.90 0.65 6.38
C ASN B 136 -25.10 0.13 7.18
N PRO B 137 -25.15 0.46 8.49
CA PRO B 137 -24.22 1.26 9.30
C PRO B 137 -22.82 0.65 9.31
N PRO B 138 -21.79 1.48 9.33
CA PRO B 138 -20.43 0.95 9.21
C PRO B 138 -20.06 0.10 10.43
N VAL B 139 -19.38 -1.02 10.20
CA VAL B 139 -18.97 -1.88 11.31
C VAL B 139 -17.61 -2.48 10.99
N GLU B 140 -16.79 -2.65 12.02
CA GLU B 140 -15.49 -3.29 11.85
C GLU B 140 -15.65 -4.74 11.45
N GLY B 141 -14.88 -5.19 10.46
CA GLY B 141 -14.80 -6.60 10.15
C GLY B 141 -13.36 -6.93 9.76
N ALA B 142 -13.09 -8.18 9.42
CA ALA B 142 -11.74 -8.57 9.01
C ALA B 142 -11.76 -9.84 8.16
N PHE B 143 -10.69 -10.04 7.38
CA PHE B 143 -10.57 -11.21 6.53
C PHE B 143 -9.99 -12.41 7.26
N TYR B 144 -10.45 -13.61 6.91
CA TYR B 144 -9.85 -14.85 7.41
C TYR B 144 -10.01 -15.94 6.35
N TRP B 145 -8.92 -16.67 6.09
CA TRP B 145 -8.90 -17.69 5.03
C TRP B 145 -9.30 -19.05 5.56
N LEU B 146 -10.26 -19.72 4.91
CA LEU B 146 -10.71 -21.04 5.35
C LEU B 146 -9.83 -22.12 4.78
N ASN B 147 -9.12 -21.78 3.71
CA ASN B 147 -8.28 -22.70 2.98
C ASN B 147 -7.51 -21.85 1.97
N ASN B 148 -6.79 -22.49 1.04
CA ASN B 148 -5.95 -21.72 0.12
C ASN B 148 -6.70 -20.91 -0.94
N ARG B 149 -8.00 -21.18 -1.10
CA ARG B 149 -8.80 -20.58 -2.16
C ARG B 149 -9.94 -19.65 -1.68
N GLU B 150 -10.42 -19.85 -0.47
CA GLU B 150 -11.59 -19.09 -0.05
C GLU B 150 -11.28 -18.21 1.15
N VAL B 151 -11.62 -16.93 1.05
CA VAL B 151 -11.42 -16.02 2.17
C VAL B 151 -12.80 -15.52 2.59
N ARG B 152 -12.95 -15.23 3.89
CA ARG B 152 -14.19 -14.81 4.49
C ARG B 152 -13.99 -13.46 5.17
N TRP B 153 -15.05 -12.65 5.23
CA TRP B 153 -14.98 -11.37 5.95
C TRP B 153 -16.22 -11.27 6.81
N ARG B 154 -16.04 -10.90 8.08
CA ARG B 154 -17.18 -10.73 8.97
C ARG B 154 -16.84 -9.80 10.10
N PRO B 155 -17.87 -9.25 10.77
CA PRO B 155 -17.66 -8.47 12.00
C PRO B 155 -17.40 -9.34 13.22
N GLU B 156 -17.21 -8.68 14.35
CA GLU B 156 -16.95 -9.34 15.62
C GLU B 156 -18.17 -10.11 16.11
N HIS B 157 -19.34 -9.48 16.02
CA HIS B 157 -20.60 -10.07 16.43
C HIS B 157 -21.49 -10.17 15.21
N PHE B 158 -22.58 -10.90 15.36
CA PHE B 158 -23.59 -11.08 14.32
C PHE B 158 -23.99 -9.70 13.76
N TRP B 159 -24.30 -9.65 12.47
CA TRP B 159 -24.73 -8.39 11.85
C TRP B 159 -25.98 -7.84 12.53
N LYS B 160 -26.09 -6.52 12.53
CA LYS B 160 -27.34 -5.83 12.89
C LYS B 160 -28.32 -5.90 11.74
N PRO B 161 -29.57 -6.29 12.02
CA PRO B 161 -30.61 -6.26 10.99
C PRO B 161 -30.67 -4.89 10.28
N GLY B 162 -30.87 -4.91 8.97
CA GLY B 162 -30.96 -3.68 8.21
C GLY B 162 -29.63 -3.16 7.65
N THR B 163 -28.53 -3.86 7.93
CA THR B 163 -27.22 -3.46 7.42
C THR B 163 -27.05 -3.78 5.93
N ALA B 164 -26.58 -2.79 5.18
CA ALA B 164 -26.18 -3.00 3.80
C ALA B 164 -24.73 -3.44 3.75
N VAL B 165 -24.45 -4.45 2.94
CA VAL B 165 -23.09 -4.91 2.75
C VAL B 165 -22.79 -4.90 1.28
N ASP B 166 -21.69 -4.24 0.90
CA ASP B 166 -21.30 -4.14 -0.51
C ASP B 166 -19.89 -4.70 -0.70
N VAL B 167 -19.71 -5.51 -1.73
CA VAL B 167 -18.49 -6.29 -1.88
C VAL B 167 -17.94 -6.10 -3.29
N ALA B 168 -16.86 -5.32 -3.40
CA ALA B 168 -16.26 -5.09 -4.70
C ALA B 168 -14.95 -5.86 -4.76
N VAL B 169 -14.94 -6.92 -5.54
CA VAL B 169 -13.73 -7.70 -5.68
C VAL B 169 -12.96 -7.21 -6.91
N ASN B 170 -11.97 -6.36 -6.67
CA ASN B 170 -11.31 -5.64 -7.76
C ASN B 170 -9.99 -6.29 -8.09
N THR B 171 -10.08 -7.53 -8.58
CA THR B 171 -8.90 -8.34 -8.76
C THR B 171 -8.36 -8.27 -10.19
N TYR B 172 -9.10 -7.62 -11.08
CA TYR B 172 -8.64 -7.59 -12.47
C TYR B 172 -7.36 -6.77 -12.56
N GLY B 173 -6.35 -7.34 -13.19
CA GLY B 173 -5.05 -6.72 -13.34
C GLY B 173 -4.20 -6.75 -12.09
N VAL B 174 -4.64 -7.47 -11.07
CA VAL B 174 -3.91 -7.51 -9.81
C VAL B 174 -3.07 -8.78 -9.74
N ASP B 175 -1.80 -8.61 -9.38
CA ASP B 175 -0.88 -9.73 -9.24
C ASP B 175 -1.17 -10.42 -7.92
N LEU B 176 -1.71 -11.63 -7.98
CA LEU B 176 -2.03 -12.35 -6.77
C LEU B 176 -0.92 -13.30 -6.35
N GLY B 177 0.29 -13.07 -6.88
CA GLY B 177 1.46 -13.85 -6.47
C GLY B 177 1.84 -14.95 -7.44
N GLU B 178 3.14 -15.18 -7.60
CA GLU B 178 3.66 -16.23 -8.49
C GLU B 178 3.07 -16.18 -9.88
N GLY B 179 2.90 -14.97 -10.43
CA GLY B 179 2.41 -14.82 -11.78
C GLY B 179 0.91 -14.99 -11.96
N MET B 180 0.19 -15.18 -10.85
CA MET B 180 -1.26 -15.35 -10.96
C MET B 180 -1.99 -14.00 -10.86
N PHE B 181 -2.84 -13.74 -11.84
CA PHE B 181 -3.57 -12.49 -11.90
C PHE B 181 -5.08 -12.71 -11.95
N GLY B 182 -5.83 -11.72 -11.47
CA GLY B 182 -7.28 -11.80 -11.53
C GLY B 182 -7.82 -11.92 -12.95
N GLU B 183 -8.74 -12.86 -13.16
CA GLU B 183 -9.37 -13.02 -14.47
C GLU B 183 -10.35 -11.89 -14.72
N ASP B 184 -11.03 -11.46 -13.67
CA ASP B 184 -11.99 -10.37 -13.79
C ASP B 184 -12.33 -9.78 -12.42
N ASN B 185 -13.04 -8.67 -12.43
CA ASN B 185 -13.64 -8.12 -11.21
C ASN B 185 -14.98 -8.75 -10.99
N VAL B 186 -15.39 -8.86 -9.74
CA VAL B 186 -16.76 -9.26 -9.44
C VAL B 186 -17.29 -8.40 -8.29
N GLN B 187 -18.59 -8.33 -8.22
CA GLN B 187 -19.25 -7.44 -7.30
C GLN B 187 -20.53 -8.12 -6.80
N THR B 188 -20.92 -7.86 -5.57
CA THR B 188 -22.22 -8.27 -5.10
C THR B 188 -22.61 -7.31 -3.99
N HIS B 189 -23.89 -7.26 -3.71
CA HIS B 189 -24.39 -6.42 -2.62
C HIS B 189 -25.52 -7.17 -1.94
N PHE B 190 -25.53 -7.18 -0.62
CA PHE B 190 -26.61 -7.87 0.08
C PHE B 190 -27.00 -7.12 1.32
N THR B 191 -28.05 -7.60 1.96
CA THR B 191 -28.64 -6.92 3.09
C THR B 191 -28.94 -7.92 4.18
N ILE B 192 -28.73 -7.51 5.43
CA ILE B 192 -29.04 -8.34 6.58
C ILE B 192 -30.50 -8.15 7.00
N GLY B 193 -31.21 -9.26 7.10
CA GLY B 193 -32.62 -9.24 7.51
C GLY B 193 -32.81 -9.54 8.99
N ASP B 194 -33.96 -10.14 9.33
CA ASP B 194 -34.28 -10.45 10.71
C ASP B 194 -33.23 -11.29 11.40
N GLU B 195 -33.11 -11.11 12.71
CA GLU B 195 -32.29 -11.98 13.53
C GLU B 195 -33.05 -13.28 13.81
N VAL B 196 -32.48 -14.38 13.35
CA VAL B 196 -33.08 -15.70 13.49
C VAL B 196 -32.01 -16.64 14.01
N ILE B 197 -32.16 -17.02 15.26
CA ILE B 197 -31.23 -17.92 15.94
C ILE B 197 -32.01 -19.11 16.46
N ALA B 198 -31.65 -20.31 15.99
CA ALA B 198 -32.26 -21.55 16.47
C ALA B 198 -31.26 -22.31 17.35
N THR B 199 -31.67 -22.68 18.55
CA THR B 199 -30.80 -23.37 19.47
C THR B 199 -31.24 -24.82 19.74
N ALA B 200 -30.36 -25.78 19.44
CA ALA B 200 -30.59 -27.17 19.79
C ALA B 200 -29.82 -27.53 21.07
N ASP B 201 -30.57 -27.81 22.13
CA ASP B 201 -30.01 -28.17 23.44
C ASP B 201 -30.09 -29.68 23.63
N ASP B 202 -28.95 -30.35 23.79
CA ASP B 202 -28.97 -31.81 23.90
C ASP B 202 -29.64 -32.27 25.20
N ASN B 203 -29.75 -31.37 26.17
CA ASN B 203 -30.39 -31.71 27.43
C ASN B 203 -31.91 -31.84 27.30
N THR B 204 -32.51 -31.11 26.37
CA THR B 204 -33.96 -31.19 26.16
C THR B 204 -34.33 -31.85 24.83
N LYS B 205 -33.33 -31.97 23.96
CA LYS B 205 -33.53 -32.43 22.59
C LYS B 205 -34.68 -31.69 21.89
N ILE B 206 -34.71 -30.39 22.14
CA ILE B 206 -35.61 -29.44 21.49
C ILE B 206 -34.79 -28.42 20.70
N LEU B 207 -35.20 -28.16 19.46
CA LEU B 207 -34.63 -27.09 18.64
C LEU B 207 -35.55 -25.86 18.70
N THR B 208 -35.11 -24.81 19.38
CA THR B 208 -35.97 -23.64 19.59
C THR B 208 -35.60 -22.52 18.66
N VAL B 209 -36.56 -22.07 17.86
CA VAL B 209 -36.32 -21.01 16.89
C VAL B 209 -36.73 -19.65 17.45
N ARG B 210 -35.76 -18.73 17.53
CA ARG B 210 -36.03 -17.36 18.00
C ARG B 210 -35.88 -16.34 16.88
N VAL B 211 -36.93 -15.54 16.72
CA VAL B 211 -36.93 -14.48 15.74
C VAL B 211 -36.93 -13.16 16.50
N ASN B 212 -35.82 -12.43 16.38
CA ASN B 212 -35.59 -11.19 17.09
C ASN B 212 -35.83 -11.35 18.59
N GLY B 213 -35.32 -12.43 19.14
CA GLY B 213 -35.42 -12.71 20.56
C GLY B 213 -36.68 -13.43 21.03
N GLU B 214 -37.71 -13.54 20.19
CA GLU B 214 -38.96 -14.21 20.58
C GLU B 214 -39.01 -15.64 20.05
N VAL B 215 -39.44 -16.57 20.90
CA VAL B 215 -39.61 -17.98 20.53
C VAL B 215 -40.79 -18.09 19.57
N VAL B 216 -40.58 -18.69 18.40
CA VAL B 216 -41.72 -18.81 17.48
C VAL B 216 -42.02 -20.27 17.10
N LYS B 217 -41.12 -21.18 17.45
CA LYS B 217 -41.29 -22.58 17.11
C LYS B 217 -40.39 -23.40 18.03
N SER B 218 -40.91 -24.52 18.52
CA SER B 218 -40.15 -25.44 19.36
C SER B 218 -40.20 -26.84 18.78
N MET B 219 -39.08 -27.31 18.25
CA MET B 219 -39.06 -28.56 17.49
C MET B 219 -38.37 -29.69 18.25
N PRO B 220 -39.12 -30.75 18.60
CA PRO B 220 -38.46 -31.94 19.12
C PRO B 220 -37.47 -32.44 18.09
N THR B 221 -36.28 -32.87 18.49
CA THR B 221 -35.29 -33.30 17.52
C THR B 221 -34.49 -34.51 17.99
N SER B 222 -33.94 -35.24 17.03
CA SER B 222 -33.00 -36.32 17.32
C SER B 222 -31.67 -36.01 16.64
N MET B 223 -30.64 -35.78 17.43
CA MET B 223 -29.34 -35.45 16.87
C MET B 223 -28.48 -36.72 16.73
N GLY B 224 -27.18 -36.54 16.56
CA GLY B 224 -26.29 -37.66 16.32
C GLY B 224 -26.20 -38.59 17.52
N LYS B 225 -26.35 -39.89 17.27
CA LYS B 225 -26.10 -40.91 18.29
C LYS B 225 -24.68 -40.76 18.81
N ASP B 226 -24.45 -41.24 20.03
CA ASP B 226 -23.16 -41.11 20.71
C ASP B 226 -21.94 -41.47 19.86
N SER B 227 -22.06 -42.46 19.00
CA SER B 227 -20.92 -42.88 18.20
C SER B 227 -20.70 -41.94 17.01
N THR B 228 -21.71 -41.13 16.68
CA THR B 228 -21.56 -40.11 15.65
C THR B 228 -22.29 -38.83 16.04
N PRO B 229 -21.87 -38.20 17.16
CA PRO B 229 -22.63 -37.08 17.74
C PRO B 229 -22.65 -35.83 16.87
N THR B 230 -23.48 -34.88 17.27
CA THR B 230 -23.55 -33.59 16.61
C THR B 230 -22.59 -32.67 17.33
N ALA B 231 -21.64 -32.07 16.61
CA ALA B 231 -20.71 -31.12 17.24
C ALA B 231 -21.50 -29.96 17.88
N ASN B 232 -21.06 -29.51 19.05
CA ASN B 232 -21.56 -28.26 19.61
C ASN B 232 -21.04 -27.07 18.82
N GLY B 233 -21.67 -25.92 18.98
CA GLY B 233 -21.15 -24.69 18.42
C GLY B 233 -22.12 -23.91 17.54
N ILE B 234 -21.59 -22.94 16.83
CA ILE B 234 -22.42 -22.05 16.04
C ILE B 234 -22.33 -22.49 14.59
N TYR B 235 -23.50 -22.72 13.99
CA TYR B 235 -23.60 -23.10 12.58
C TYR B 235 -24.27 -21.97 11.78
N ILE B 236 -23.75 -21.69 10.60
CA ILE B 236 -24.40 -20.78 9.67
C ILE B 236 -25.29 -21.56 8.70
N VAL B 237 -26.56 -21.17 8.60
CA VAL B 237 -27.44 -21.80 7.61
C VAL B 237 -26.94 -21.55 6.17
N GLY B 238 -26.87 -22.61 5.38
CA GLY B 238 -26.51 -22.50 3.98
C GLY B 238 -27.71 -22.70 3.06
N SER B 239 -27.57 -23.59 2.07
CA SER B 239 -28.65 -23.84 1.10
C SER B 239 -29.82 -24.65 1.66
N ARG B 240 -30.99 -24.49 1.04
CA ARG B 240 -32.20 -25.20 1.47
C ARG B 240 -32.72 -26.10 0.34
N TYR B 241 -33.27 -27.26 0.69
CA TYR B 241 -33.72 -28.20 -0.35
C TYR B 241 -35.10 -28.78 -0.07
N LYS B 242 -36.01 -28.65 -1.03
CA LYS B 242 -37.30 -29.33 -0.98
C LYS B 242 -37.09 -30.82 -0.77
N HIS B 243 -36.12 -31.35 -1.50
CA HIS B 243 -35.67 -32.71 -1.28
C HIS B 243 -34.23 -32.80 -1.77
N ILE B 244 -33.44 -33.68 -1.14
CA ILE B 244 -32.07 -33.88 -1.56
C ILE B 244 -31.65 -35.29 -1.22
N ILE B 245 -30.85 -35.88 -2.10
CA ILE B 245 -30.21 -37.15 -1.82
C ILE B 245 -28.93 -36.90 -1.06
N MET B 246 -28.95 -37.28 0.21
CA MET B 246 -27.77 -37.10 1.05
C MET B 246 -26.83 -38.28 0.86
N ASP B 247 -25.67 -37.97 0.30
CA ASP B 247 -24.67 -38.96 -0.05
C ASP B 247 -23.45 -38.76 0.86
N SER B 248 -23.16 -39.75 1.69
CA SER B 248 -22.10 -39.63 2.68
C SER B 248 -20.73 -39.43 2.04
N SER B 249 -20.54 -39.92 0.82
CA SER B 249 -19.23 -39.83 0.16
C SER B 249 -18.92 -38.39 -0.25
N THR B 250 -19.96 -37.58 -0.42
CA THR B 250 -19.79 -36.14 -0.61
C THR B 250 -18.98 -35.54 0.54
N TYR B 251 -19.16 -36.11 1.73
CA TYR B 251 -18.55 -35.60 2.96
C TYR B 251 -17.45 -36.49 3.48
N GLY B 252 -16.91 -37.35 2.62
CA GLY B 252 -15.72 -38.11 2.94
C GLY B 252 -15.93 -39.57 3.28
N VAL B 253 -17.16 -39.94 3.63
CA VAL B 253 -17.45 -41.30 4.09
C VAL B 253 -18.10 -42.17 3.00
N PRO B 254 -17.41 -43.23 2.57
CA PRO B 254 -17.92 -44.20 1.58
C PRO B 254 -19.31 -44.74 1.94
N VAL B 255 -20.21 -44.83 0.99
CA VAL B 255 -21.56 -45.28 1.26
C VAL B 255 -21.57 -46.68 1.83
N ASN B 256 -20.79 -47.56 1.22
CA ASN B 256 -20.73 -48.96 1.61
C ASN B 256 -19.90 -49.19 2.89
N SER B 257 -19.45 -48.09 3.51
CA SER B 257 -18.67 -48.17 4.75
C SER B 257 -19.63 -48.20 5.96
N PRO B 258 -19.10 -48.47 7.18
CA PRO B 258 -20.00 -48.56 8.35
C PRO B 258 -20.84 -47.31 8.61
N ASN B 259 -20.21 -46.14 8.70
CA ASN B 259 -20.96 -44.90 8.93
C ASN B 259 -21.48 -44.24 7.65
N GLY B 260 -21.24 -44.88 6.51
CA GLY B 260 -21.73 -44.39 5.24
C GLY B 260 -23.25 -44.44 5.10
N TYR B 261 -23.77 -43.73 4.12
CA TYR B 261 -25.20 -43.68 3.87
C TYR B 261 -25.48 -43.00 2.55
N ARG B 262 -26.65 -43.29 1.98
CA ARG B 262 -27.16 -42.57 0.84
C ARG B 262 -28.68 -42.59 0.91
N THR B 263 -29.27 -41.43 1.19
CA THR B 263 -30.70 -41.38 1.48
C THR B 263 -31.34 -40.12 0.94
N ASP B 264 -32.53 -40.28 0.38
CA ASP B 264 -33.28 -39.15 -0.13
C ASP B 264 -34.17 -38.64 1.01
N VAL B 265 -34.03 -37.36 1.36
CA VAL B 265 -34.76 -36.79 2.48
C VAL B 265 -35.53 -35.54 2.05
N ASP B 266 -36.56 -35.21 2.80
CA ASP B 266 -37.37 -34.04 2.48
C ASP B 266 -36.96 -32.82 3.32
N TRP B 267 -37.21 -31.64 2.77
CA TRP B 267 -37.09 -30.38 3.50
C TRP B 267 -35.76 -30.27 4.24
N ALA B 268 -34.66 -30.21 3.49
CA ALA B 268 -33.35 -30.24 4.13
C ALA B 268 -32.70 -28.88 4.11
N THR B 269 -32.29 -28.40 5.28
CA THR B 269 -31.53 -27.17 5.37
C THR B 269 -30.11 -27.47 5.82
N GLN B 270 -29.14 -27.16 4.97
CA GLN B 270 -27.73 -27.42 5.29
C GLN B 270 -27.18 -26.43 6.30
N ILE B 271 -26.51 -26.90 7.34
CA ILE B 271 -25.87 -25.99 8.30
C ILE B 271 -24.38 -26.28 8.53
N SER B 272 -23.85 -27.31 7.86
CA SER B 272 -22.37 -27.47 7.83
C SER B 272 -21.91 -28.09 6.52
N TYR B 273 -20.66 -27.80 6.15
CA TYR B 273 -20.06 -28.44 4.98
C TYR B 273 -19.76 -29.89 5.29
N SER B 274 -19.55 -30.18 6.57
CA SER B 274 -19.31 -31.55 7.01
C SER B 274 -20.58 -32.42 6.85
N GLY B 275 -21.69 -31.83 6.45
CA GLY B 275 -22.89 -32.58 6.09
C GLY B 275 -24.03 -32.59 7.11
N VAL B 276 -23.98 -31.71 8.09
CA VAL B 276 -25.10 -31.61 9.03
C VAL B 276 -26.26 -30.85 8.39
N PHE B 277 -27.44 -31.47 8.39
CA PHE B 277 -28.67 -30.83 7.93
C PHE B 277 -29.72 -30.86 9.03
N VAL B 278 -30.61 -29.87 9.01
CA VAL B 278 -31.93 -29.99 9.60
C VAL B 278 -32.82 -30.55 8.50
N HIS B 279 -33.55 -31.63 8.77
CA HIS B 279 -34.34 -32.25 7.71
C HIS B 279 -35.48 -33.10 8.24
N SER B 280 -36.38 -33.48 7.34
CA SER B 280 -37.50 -34.36 7.68
C SER B 280 -37.02 -35.78 7.90
N ALA B 281 -37.44 -36.35 9.03
CA ALA B 281 -37.10 -37.72 9.40
C ALA B 281 -38.30 -38.46 9.99
N PRO B 282 -39.19 -38.95 9.12
CA PRO B 282 -40.38 -39.65 9.63
C PRO B 282 -40.01 -40.90 10.44
N TRP B 283 -38.89 -41.54 10.11
CA TRP B 283 -38.47 -42.76 10.79
C TRP B 283 -38.07 -42.57 12.25
N SER B 284 -37.91 -41.33 12.71
CA SER B 284 -37.44 -41.13 14.08
C SER B 284 -38.32 -40.21 14.90
N VAL B 285 -39.53 -39.92 14.42
CA VAL B 285 -40.40 -38.97 15.12
C VAL B 285 -40.61 -39.44 16.56
N GLY B 286 -40.67 -40.76 16.75
CA GLY B 286 -40.75 -41.32 18.09
C GLY B 286 -39.55 -40.99 18.96
N ALA B 287 -38.38 -40.89 18.34
CA ALA B 287 -37.14 -40.60 19.07
C ALA B 287 -36.93 -39.11 19.35
N GLN B 288 -37.45 -38.28 18.45
CA GLN B 288 -37.24 -36.83 18.52
C GLN B 288 -37.82 -36.26 19.82
N GLY B 289 -37.02 -35.49 20.55
CA GLY B 289 -37.40 -35.05 21.88
C GLY B 289 -36.97 -36.01 22.99
N HIS B 290 -36.39 -37.16 22.61
CA HIS B 290 -36.01 -38.16 23.63
C HIS B 290 -34.60 -38.71 23.52
N THR B 291 -34.30 -39.34 22.39
CA THR B 291 -33.00 -39.98 22.26
C THR B 291 -32.36 -39.64 20.89
N ASN B 292 -31.04 -39.63 20.84
CA ASN B 292 -30.34 -39.32 19.60
C ASN B 292 -30.12 -40.57 18.75
N THR B 293 -30.45 -40.50 17.47
CA THR B 293 -30.33 -41.65 16.59
C THR B 293 -29.65 -41.39 15.25
N SER B 294 -29.21 -40.16 14.98
CA SER B 294 -28.74 -39.84 13.63
C SER B 294 -27.23 -39.93 13.46
N HIS B 295 -26.77 -39.69 12.23
CA HIS B 295 -25.34 -39.62 11.92
C HIS B 295 -24.72 -38.29 12.34
N GLY B 296 -25.58 -37.34 12.73
CA GLY B 296 -25.12 -36.02 13.12
C GLY B 296 -26.17 -34.99 12.72
N CYS B 297 -27.03 -35.37 11.78
CA CYS B 297 -28.09 -34.50 11.31
C CYS B 297 -29.09 -34.15 12.41
N LEU B 298 -29.77 -33.02 12.25
CA LEU B 298 -30.84 -32.68 13.17
C LEU B 298 -32.14 -33.20 12.59
N ASN B 299 -32.53 -34.40 13.02
CA ASN B 299 -33.81 -34.99 12.68
C ASN B 299 -34.96 -34.22 13.31
N VAL B 300 -35.95 -33.84 12.52
CA VAL B 300 -37.19 -33.30 13.05
C VAL B 300 -38.36 -33.87 12.24
N SER B 301 -39.58 -33.60 12.71
CA SER B 301 -40.77 -34.07 12.02
C SER B 301 -40.85 -33.50 10.61
N PRO B 302 -41.61 -34.16 9.73
CA PRO B 302 -41.85 -33.60 8.40
C PRO B 302 -42.36 -32.18 8.42
N SER B 303 -43.35 -31.89 9.26
CA SER B 303 -43.96 -30.56 9.23
C SER B 303 -42.97 -29.51 9.77
N ASN B 304 -42.26 -29.84 10.83
CA ASN B 304 -41.25 -28.92 11.37
C ASN B 304 -40.09 -28.66 10.39
N ALA B 305 -39.64 -29.70 9.70
CA ALA B 305 -38.57 -29.53 8.70
C ALA B 305 -39.02 -28.59 7.60
N GLN B 306 -40.27 -28.71 7.18
CA GLN B 306 -40.81 -27.85 6.15
C GLN B 306 -40.98 -26.43 6.68
N TRP B 307 -41.44 -26.31 7.93
CA TRP B 307 -41.48 -25.00 8.58
C TRP B 307 -40.09 -24.36 8.60
N PHE B 308 -39.09 -25.14 8.96
CA PHE B 308 -37.72 -24.63 8.99
C PHE B 308 -37.29 -24.19 7.57
N TYR B 309 -37.57 -25.02 6.57
CA TYR B 309 -37.33 -24.66 5.18
C TYR B 309 -38.01 -23.34 4.79
N ASP B 310 -39.26 -23.15 5.23
CA ASP B 310 -40.02 -21.96 4.86
C ASP B 310 -39.58 -20.71 5.60
N HIS B 311 -39.19 -20.85 6.87
CA HIS B 311 -38.97 -19.69 7.73
C HIS B 311 -37.53 -19.36 8.06
N VAL B 312 -36.59 -20.21 7.67
CA VAL B 312 -35.18 -19.93 7.93
C VAL B 312 -34.50 -19.62 6.59
N LYS B 313 -33.59 -18.65 6.60
CA LYS B 313 -32.89 -18.26 5.38
C LYS B 313 -31.38 -18.45 5.50
N ARG B 314 -30.70 -18.51 4.36
CA ARG B 314 -29.24 -18.41 4.31
C ARG B 314 -28.68 -17.36 5.27
N GLY B 315 -27.75 -17.76 6.12
CA GLY B 315 -27.12 -16.82 7.04
C GLY B 315 -27.79 -16.72 8.40
N ASP B 316 -28.94 -17.36 8.56
CA ASP B 316 -29.51 -17.52 9.90
C ASP B 316 -28.60 -18.45 10.66
N ILE B 317 -28.80 -18.54 11.97
CA ILE B 317 -27.88 -19.25 12.86
C ILE B 317 -28.54 -20.42 13.56
N VAL B 318 -27.82 -21.54 13.61
CA VAL B 318 -28.17 -22.65 14.49
C VAL B 318 -27.04 -22.87 15.48
N GLU B 319 -27.38 -22.84 16.77
CA GLU B 319 -26.42 -23.13 17.83
C GLU B 319 -26.74 -24.47 18.48
N VAL B 320 -25.76 -25.34 18.52
CA VAL B 320 -25.94 -26.63 19.18
C VAL B 320 -25.15 -26.61 20.47
N VAL B 321 -25.78 -27.04 21.57
CA VAL B 321 -25.14 -27.02 22.88
C VAL B 321 -25.36 -28.32 23.63
N ASN B 322 -24.45 -28.62 24.56
CA ASN B 322 -24.59 -29.73 25.49
C ASN B 322 -24.55 -31.13 24.88
N THR B 323 -24.08 -31.30 23.64
CA THR B 323 -23.94 -32.67 23.12
C THR B 323 -22.67 -33.31 23.65
N VAL B 324 -22.54 -34.61 23.40
CA VAL B 324 -21.33 -35.34 23.77
C VAL B 324 -20.24 -35.13 22.71
N GLY B 325 -20.56 -34.40 21.65
CA GLY B 325 -19.60 -34.12 20.60
C GLY B 325 -18.59 -33.05 20.98
N GLY B 326 -17.71 -32.70 20.05
CA GLY B 326 -16.76 -31.62 20.28
C GLY B 326 -17.37 -30.32 19.81
N THR B 327 -16.52 -29.47 19.23
CA THR B 327 -16.96 -28.20 18.67
C THR B 327 -16.81 -28.26 17.15
N LEU B 328 -17.75 -27.65 16.43
CA LEU B 328 -17.64 -27.53 14.98
C LEU B 328 -16.37 -26.77 14.63
N PRO B 329 -15.57 -27.34 13.72
CA PRO B 329 -14.35 -26.64 13.27
C PRO B 329 -14.66 -25.23 12.73
N GLY B 330 -13.89 -24.24 13.17
CA GLY B 330 -13.98 -22.89 12.66
C GLY B 330 -13.87 -22.80 11.14
N ILE B 331 -13.13 -23.73 10.54
CA ILE B 331 -12.92 -23.69 9.09
C ILE B 331 -13.79 -24.70 8.33
N ASP B 332 -14.85 -25.18 8.98
CA ASP B 332 -15.81 -26.06 8.31
C ASP B 332 -16.27 -25.56 6.95
N GLY B 333 -16.53 -24.25 6.86
CA GLY B 333 -17.22 -23.69 5.71
C GLY B 333 -18.45 -22.92 6.17
N LEU B 334 -19.09 -23.42 7.22
CA LEU B 334 -20.20 -22.73 7.87
C LEU B 334 -19.96 -22.59 9.37
N GLY B 335 -18.71 -22.74 9.81
CA GLY B 335 -18.38 -22.68 11.23
C GLY B 335 -17.59 -21.44 11.65
N ASP B 336 -17.63 -20.39 10.81
CA ASP B 336 -16.78 -19.20 10.98
C ASP B 336 -16.88 -18.55 12.37
N TRP B 337 -18.06 -18.61 12.98
CA TRP B 337 -18.30 -17.90 14.23
C TRP B 337 -17.70 -18.62 15.45
N ASN B 338 -17.22 -19.85 15.25
CA ASN B 338 -16.56 -20.56 16.34
C ASN B 338 -15.10 -20.16 16.52
N ILE B 339 -14.58 -19.39 15.57
CA ILE B 339 -13.25 -18.83 15.70
C ILE B 339 -13.32 -17.57 16.56
N PRO B 340 -12.54 -17.51 17.66
CA PRO B 340 -12.53 -16.32 18.51
C PRO B 340 -12.17 -15.04 17.72
N TRP B 341 -12.79 -13.92 18.07
CA TRP B 341 -12.64 -12.71 17.27
C TRP B 341 -11.18 -12.26 17.23
N ASP B 342 -10.46 -12.42 18.33
CA ASP B 342 -9.05 -12.00 18.38
C ASP B 342 -8.24 -12.74 17.34
N GLN B 343 -8.50 -14.03 17.21
CA GLN B 343 -7.83 -14.83 16.20
C GLN B 343 -8.30 -14.50 14.78
N TRP B 344 -9.62 -14.34 14.62
CA TRP B 344 -10.17 -14.00 13.30
C TRP B 344 -9.62 -12.67 12.83
N ARG B 345 -9.66 -11.68 13.73
CA ARG B 345 -9.24 -10.33 13.36
C ARG B 345 -7.75 -10.26 13.03
N ALA B 346 -6.93 -11.07 13.69
CA ALA B 346 -5.50 -11.06 13.39
C ALA B 346 -5.27 -11.66 12.00
N GLY B 347 -6.22 -12.47 11.54
CA GLY B 347 -6.18 -13.03 10.21
C GLY B 347 -5.13 -14.10 10.05
N ASN B 348 -4.96 -14.59 8.82
CA ASN B 348 -3.94 -15.58 8.51
C ASN B 348 -3.43 -15.38 7.08
N ALA B 349 -3.29 -14.12 6.67
CA ALA B 349 -2.77 -13.82 5.34
C ALA B 349 -1.26 -14.11 5.23
N LYS B 350 -0.59 -14.11 6.39
CA LYS B 350 0.85 -14.38 6.52
C LYS B 350 1.71 -13.33 5.82
#